data_4Q52
#
_entry.id   4Q52
#
_cell.length_a   51.712
_cell.length_b   85.549
_cell.length_c   88.195
_cell.angle_alpha   90.00
_cell.angle_beta   104.19
_cell.angle_gamma   90.00
#
_symmetry.space_group_name_H-M   'P 1 21 1'
#
loop_
_entity.id
_entity.type
_entity.pdbx_description
1 polymer 'Uncharacterized protein'
2 non-polymer beta-D-glucopyranose
3 water water
#
_entity_poly.entity_id   1
_entity_poly.type   'polypeptide(L)'
_entity_poly.pdbx_seq_one_letter_code
;(MSE)HHHHHHDQIVHV(MSE)FLVDTAYIYAKYTTGISTDPTKP(MSE)PIDHNSEV(MSE)ACSFVNKPSKQGTADLS
FSVPNQSTVAFWGSSLSNNGHDAIIIYDIEKNTNLGPTDDVFNPFV(MSE)NQTLLPGGVIPSGSINGLPATTEARNIYA
LTSTVKAKGTENFVIRFGLYLFDAGTQTQKLWSYCQWDPTITVY
;
_entity_poly.pdbx_strand_id   A,B,C,D
#
# COMPACT_ATOMS: atom_id res chain seq x y z
N ILE A 10 16.25 -16.26 -26.95
CA ILE A 10 14.85 -16.34 -26.41
C ILE A 10 14.66 -15.60 -25.08
N VAL A 11 13.90 -14.53 -25.09
CA VAL A 11 13.76 -13.67 -23.94
C VAL A 11 12.55 -14.10 -23.17
N HIS A 12 12.74 -14.46 -21.91
CA HIS A 12 11.63 -14.83 -21.04
C HIS A 12 11.27 -13.69 -20.08
N VAL A 13 9.96 -13.48 -19.91
CA VAL A 13 9.48 -12.43 -19.03
C VAL A 13 8.52 -12.98 -18.00
N PHE A 15 5.71 -12.52 -15.51
CA PHE A 15 4.67 -11.53 -15.23
C PHE A 15 4.08 -11.91 -13.87
N LEU A 16 4.48 -11.20 -12.82
CA LEU A 16 4.00 -11.48 -11.46
C LEU A 16 2.90 -10.61 -10.99
N VAL A 17 1.94 -11.23 -10.30
CA VAL A 17 0.77 -10.51 -9.83
C VAL A 17 0.50 -10.76 -8.37
N ASP A 18 0.27 -9.67 -7.65
CA ASP A 18 -0.06 -9.67 -6.27
C ASP A 18 -1.56 -9.80 -6.12
N THR A 19 -2.03 -11.04 -6.18
CA THR A 19 -3.46 -11.31 -6.12
C THR A 19 -4.10 -10.81 -4.83
N ALA A 20 -3.35 -10.89 -3.75
CA ALA A 20 -3.90 -10.50 -2.45
C ALA A 20 -4.21 -9.02 -2.42
N TYR A 21 -3.34 -8.24 -3.02
CA TYR A 21 -3.53 -6.81 -3.04
C TYR A 21 -4.75 -6.49 -3.85
N ILE A 22 -4.87 -7.15 -4.98
CA ILE A 22 -5.98 -6.87 -5.87
C ILE A 22 -7.28 -7.26 -5.25
N TYR A 23 -7.27 -8.37 -4.52
CA TYR A 23 -8.49 -8.81 -3.86
C TYR A 23 -8.86 -7.87 -2.73
N ALA A 24 -7.87 -7.19 -2.16
CA ALA A 24 -8.10 -6.28 -1.04
C ALA A 24 -8.65 -4.96 -1.57
N LYS A 25 -8.07 -4.48 -2.65
CA LYS A 25 -8.44 -3.17 -3.18
C LYS A 25 -9.71 -3.16 -4.00
N TYR A 26 -9.89 -4.11 -4.89
CA TYR A 26 -11.02 -4.03 -5.80
C TYR A 26 -12.22 -4.82 -5.31
N THR A 27 -13.18 -4.07 -4.80
CA THR A 27 -14.38 -4.67 -4.20
C THR A 27 -15.62 -4.52 -5.10
N THR A 28 -15.51 -3.79 -6.19
CA THR A 28 -16.62 -3.60 -7.13
C THR A 28 -16.04 -3.68 -8.56
N GLY A 29 -16.89 -3.87 -9.56
CA GLY A 29 -16.44 -3.97 -10.93
C GLY A 29 -15.79 -5.31 -11.29
N ILE A 30 -15.99 -6.30 -10.42
CA ILE A 30 -15.52 -7.65 -10.62
C ILE A 30 -16.21 -8.21 -11.83
N SER A 31 -15.45 -8.77 -12.77
CA SER A 31 -16.03 -9.30 -14.01
C SER A 31 -15.65 -10.71 -14.30
N THR A 32 -16.62 -11.52 -14.69
CA THR A 32 -16.39 -12.89 -15.15
C THR A 32 -16.70 -12.96 -16.65
N ASP A 33 -16.80 -11.81 -17.31
CA ASP A 33 -16.89 -11.77 -18.72
C ASP A 33 -15.50 -11.35 -19.20
N PRO A 34 -14.77 -12.26 -19.86
CA PRO A 34 -13.37 -11.95 -20.27
C PRO A 34 -13.26 -10.85 -21.31
N THR A 35 -14.36 -10.53 -22.00
CA THR A 35 -14.34 -9.44 -22.97
C THR A 35 -14.53 -8.11 -22.31
N LYS A 36 -14.78 -8.13 -21.01
CA LYS A 36 -15.02 -6.92 -20.29
C LYS A 36 -14.33 -7.10 -18.98
N PRO A 37 -13.02 -7.17 -19.02
CA PRO A 37 -12.29 -7.35 -17.79
C PRO A 37 -12.28 -6.10 -16.94
N PRO A 39 -10.47 -3.22 -14.96
CA PRO A 39 -9.19 -2.53 -15.02
C PRO A 39 -8.55 -2.42 -13.66
N ILE A 40 -7.23 -2.52 -13.65
CA ILE A 40 -6.47 -2.43 -12.42
C ILE A 40 -5.28 -1.48 -12.62
N ASP A 41 -4.79 -0.94 -11.52
CA ASP A 41 -3.69 0.03 -11.49
C ASP A 41 -2.34 -0.64 -11.63
N HIS A 42 -1.27 0.14 -11.64
CA HIS A 42 0.09 -0.36 -11.84
C HIS A 42 0.82 -0.80 -10.58
N ASN A 43 0.12 -0.89 -9.46
CA ASN A 43 0.74 -1.22 -8.17
C ASN A 43 0.90 -2.70 -7.82
N SER A 44 0.17 -3.58 -8.49
CA SER A 44 0.18 -5.02 -8.20
C SER A 44 0.88 -5.95 -9.18
N GLU A 45 1.45 -5.43 -10.26
CA GLU A 45 2.07 -6.28 -11.27
C GLU A 45 3.48 -5.84 -11.47
N VAL A 46 4.39 -6.80 -11.65
CA VAL A 46 5.77 -6.55 -12.03
C VAL A 46 6.14 -7.50 -13.20
N ALA A 48 9.47 -9.02 -15.09
CA ALA A 48 10.89 -9.19 -14.82
C ALA A 48 11.49 -9.95 -15.96
N CYS A 49 12.63 -9.48 -16.46
CA CYS A 49 13.42 -10.24 -17.44
C CYS A 49 14.90 -10.39 -17.03
N SER A 50 15.66 -11.15 -17.81
CA SER A 50 17.06 -11.42 -17.46
C SER A 50 17.99 -10.25 -17.73
N PHE A 51 19.04 -10.17 -16.94
CA PHE A 51 20.05 -9.17 -17.12
C PHE A 51 20.72 -9.32 -18.49
N VAL A 52 20.81 -10.53 -19.04
CA VAL A 52 21.49 -10.72 -20.32
C VAL A 52 20.75 -10.05 -21.49
N ASN A 53 19.48 -9.69 -21.25
CA ASN A 53 18.67 -9.01 -22.25
C ASN A 53 18.77 -7.50 -22.08
N LYS A 54 19.75 -7.09 -21.29
CA LYS A 54 20.04 -5.70 -21.08
C LYS A 54 18.80 -4.92 -20.67
N PRO A 55 18.24 -5.23 -19.48
CA PRO A 55 17.14 -4.37 -19.05
C PRO A 55 17.69 -2.96 -18.75
N SER A 56 16.81 -1.98 -18.82
CA SER A 56 17.18 -0.60 -18.63
C SER A 56 16.11 0.05 -17.78
N LYS A 57 16.50 0.54 -16.61
CA LYS A 57 15.59 1.33 -15.79
C LYS A 57 15.60 2.81 -16.28
N GLN A 58 16.24 3.07 -17.43
CA GLN A 58 16.16 4.38 -18.04
C GLN A 58 14.92 4.39 -18.94
N GLY A 59 14.00 5.27 -18.65
CA GLY A 59 12.79 5.37 -19.40
C GLY A 59 11.59 5.41 -18.47
N THR A 60 10.41 5.46 -19.08
CA THR A 60 9.11 5.48 -18.41
C THR A 60 8.35 4.12 -18.54
N ALA A 61 9.01 3.16 -19.15
CA ALA A 61 8.34 1.95 -19.56
C ALA A 61 8.36 0.94 -18.43
N ASP A 62 7.30 0.14 -18.34
CA ASP A 62 7.19 -0.86 -17.32
C ASP A 62 8.15 -2.01 -17.55
N LEU A 63 8.65 -2.12 -18.77
CA LEU A 63 9.67 -3.11 -19.12
C LEU A 63 10.46 -2.55 -20.29
N SER A 64 11.77 -2.76 -20.29
CA SER A 64 12.66 -2.25 -21.33
C SER A 64 13.81 -3.18 -21.48
N PHE A 65 14.10 -3.60 -22.70
CA PHE A 65 15.20 -4.51 -22.93
C PHE A 65 15.70 -4.43 -24.36
N SER A 66 16.84 -5.02 -24.62
CA SER A 66 17.43 -4.92 -25.94
C SER A 66 17.83 -6.23 -26.50
N VAL A 67 17.15 -6.64 -27.56
CA VAL A 67 17.45 -7.90 -28.25
C VAL A 67 17.25 -7.75 -29.75
N PRO A 68 17.99 -8.54 -30.55
CA PRO A 68 17.88 -8.45 -32.01
C PRO A 68 16.46 -8.63 -32.51
N ASN A 69 16.14 -7.98 -33.62
CA ASN A 69 14.84 -8.15 -34.21
C ASN A 69 14.67 -9.64 -34.49
N GLN A 70 13.41 -10.07 -34.45
CA GLN A 70 12.99 -11.43 -34.64
C GLN A 70 13.29 -12.40 -33.52
N SER A 71 13.81 -11.92 -32.38
CA SER A 71 14.06 -12.82 -31.24
C SER A 71 12.69 -13.20 -30.73
N THR A 72 12.61 -14.36 -30.12
CA THR A 72 11.37 -14.82 -29.53
C THR A 72 11.27 -14.29 -28.12
N VAL A 73 10.06 -13.90 -27.75
CA VAL A 73 9.75 -13.41 -26.43
C VAL A 73 8.64 -14.25 -25.83
N ALA A 74 8.82 -14.66 -24.58
CA ALA A 74 7.86 -15.52 -23.91
C ALA A 74 7.47 -14.96 -22.57
N PHE A 75 6.15 -14.83 -22.38
CA PHE A 75 5.60 -14.28 -21.17
C PHE A 75 4.99 -15.34 -20.31
N TRP A 76 5.39 -15.39 -19.04
CA TRP A 76 4.94 -16.38 -18.11
C TRP A 76 4.27 -15.69 -16.95
N GLY A 77 3.00 -15.94 -16.78
CA GLY A 77 2.24 -15.31 -15.75
C GLY A 77 2.26 -16.12 -14.49
N SER A 78 2.27 -15.47 -13.35
CA SER A 78 2.21 -16.20 -12.08
C SER A 78 1.77 -15.30 -10.93
N SER A 79 1.07 -15.88 -9.99
CA SER A 79 0.78 -15.19 -8.72
C SER A 79 2.05 -15.23 -7.88
N LEU A 80 2.00 -14.68 -6.68
CA LEU A 80 3.18 -14.75 -5.82
C LEU A 80 3.41 -16.10 -5.19
N SER A 81 2.44 -17.02 -5.35
CA SER A 81 2.60 -18.40 -4.84
C SER A 81 2.94 -19.38 -5.96
N ASN A 82 3.45 -18.84 -7.06
CA ASN A 82 3.80 -19.63 -8.24
C ASN A 82 2.60 -20.41 -8.76
N ASN A 83 1.43 -19.79 -8.69
CA ASN A 83 0.16 -20.40 -9.04
C ASN A 83 -0.26 -21.62 -8.20
N GLY A 84 0.33 -21.75 -7.01
CA GLY A 84 0.06 -22.85 -6.11
C GLY A 84 -1.05 -22.57 -5.15
N HIS A 85 -1.29 -21.32 -4.83
CA HIS A 85 -2.39 -20.94 -3.93
C HIS A 85 -3.41 -20.16 -4.77
N ASP A 86 -3.26 -18.85 -4.91
CA ASP A 86 -4.03 -18.17 -5.92
C ASP A 86 -3.26 -18.39 -7.20
N ALA A 87 -3.87 -18.01 -8.31
CA ALA A 87 -3.22 -18.17 -9.60
C ALA A 87 -3.70 -17.16 -10.63
N ILE A 88 -2.85 -16.91 -11.63
CA ILE A 88 -3.24 -16.09 -12.72
C ILE A 88 -2.84 -16.76 -14.02
N ILE A 89 -3.66 -16.52 -15.05
CA ILE A 89 -3.43 -17.01 -16.36
C ILE A 89 -3.66 -15.87 -17.36
N ILE A 90 -2.63 -15.53 -18.13
CA ILE A 90 -2.77 -14.49 -19.11
C ILE A 90 -3.51 -15.05 -20.30
N TYR A 91 -4.50 -14.31 -20.78
CA TYR A 91 -5.25 -14.75 -21.96
C TYR A 91 -5.24 -13.78 -23.10
N ASP A 92 -4.57 -12.62 -22.91
CA ASP A 92 -4.48 -11.64 -23.96
C ASP A 92 -3.35 -10.72 -23.75
N ILE A 93 -2.63 -10.48 -24.84
CA ILE A 93 -1.58 -9.48 -24.88
C ILE A 93 -1.67 -8.84 -26.25
N GLU A 94 -2.00 -7.55 -26.28
CA GLU A 94 -2.18 -6.85 -27.55
C GLU A 94 -1.84 -5.40 -27.45
N LYS A 95 -1.59 -4.82 -28.60
CA LYS A 95 -1.31 -3.41 -28.71
C LYS A 95 -2.51 -2.61 -28.21
N ASN A 96 -2.23 -1.60 -27.39
CA ASN A 96 -3.24 -0.71 -26.84
C ASN A 96 -3.31 0.50 -27.72
N THR A 97 -4.46 0.72 -28.35
CA THR A 97 -4.64 1.89 -29.23
C THR A 97 -5.40 3.04 -28.59
N ASN A 98 -5.87 2.88 -27.36
CA ASN A 98 -6.61 3.94 -26.66
C ASN A 98 -5.75 5.05 -26.12
N LEU A 99 -4.44 4.94 -26.24
CA LEU A 99 -3.58 6.04 -25.79
C LEU A 99 -2.87 6.74 -26.97
N GLY A 100 -3.46 6.68 -28.16
CA GLY A 100 -2.88 7.32 -29.31
C GLY A 100 -1.88 6.45 -30.04
N PRO A 101 -1.16 7.02 -31.01
CA PRO A 101 -0.26 6.19 -31.80
C PRO A 101 0.90 5.66 -30.98
N THR A 102 1.26 4.43 -31.27
CA THR A 102 2.31 3.74 -30.52
C THR A 102 3.05 2.86 -31.53
N ASP A 103 4.21 2.32 -31.20
CA ASP A 103 4.96 1.61 -32.24
C ASP A 103 4.55 0.13 -32.40
N ASP A 104 4.87 -0.44 -33.57
CA ASP A 104 4.62 -1.86 -33.84
C ASP A 104 5.87 -2.61 -33.51
N VAL A 105 6.07 -2.87 -32.24
CA VAL A 105 7.31 -3.47 -31.76
C VAL A 105 7.27 -4.99 -31.78
N PHE A 106 6.12 -5.54 -31.49
CA PHE A 106 5.96 -6.96 -31.44
C PHE A 106 4.93 -7.49 -32.44
N ASN A 107 5.15 -8.68 -32.93
CA ASN A 107 4.14 -9.34 -33.70
C ASN A 107 3.05 -9.86 -32.78
N PRO A 108 1.90 -10.23 -33.35
CA PRO A 108 0.81 -10.71 -32.54
C PRO A 108 1.26 -11.80 -31.63
N PHE A 109 0.75 -11.78 -30.40
CA PHE A 109 1.07 -12.86 -29.44
C PHE A 109 0.18 -14.06 -29.65
N VAL A 110 0.67 -15.22 -29.27
CA VAL A 110 -0.14 -16.40 -29.35
C VAL A 110 0.01 -17.17 -28.08
N ASN A 112 0.87 -20.32 -26.41
CA ASN A 112 1.76 -21.37 -26.86
C ASN A 112 1.91 -22.52 -25.83
N GLN A 113 1.27 -23.66 -26.10
CA GLN A 113 1.30 -24.85 -25.23
C GLN A 113 2.17 -25.96 -25.80
N THR A 114 3.08 -26.45 -25.00
CA THR A 114 3.96 -27.48 -25.41
C THR A 114 4.18 -28.48 -24.31
N LEU A 115 4.68 -29.63 -24.72
CA LEU A 115 5.04 -30.69 -23.84
C LEU A 115 6.49 -30.46 -23.39
N LEU A 116 6.74 -30.60 -22.09
CA LEU A 116 8.12 -30.56 -21.56
C LEU A 116 8.40 -31.97 -21.11
N PRO A 117 9.12 -32.73 -21.94
CA PRO A 117 9.29 -34.15 -21.64
C PRO A 117 9.95 -34.36 -20.30
N GLY A 118 10.95 -33.57 -20.01
CA GLY A 118 11.68 -33.74 -18.76
C GLY A 118 11.74 -32.51 -17.91
N GLY A 119 10.66 -32.24 -17.20
CA GLY A 119 10.65 -31.15 -16.22
C GLY A 119 11.01 -31.70 -14.85
N VAL A 120 11.83 -30.95 -14.12
CA VAL A 120 12.28 -31.42 -12.82
C VAL A 120 11.36 -30.97 -11.73
N ILE A 121 11.20 -31.85 -10.75
CA ILE A 121 10.43 -31.56 -9.57
C ILE A 121 11.19 -32.16 -8.41
N PRO A 122 10.92 -31.67 -7.21
CA PRO A 122 11.55 -32.32 -6.10
C PRO A 122 11.10 -33.76 -6.00
N SER A 123 11.96 -34.62 -5.45
CA SER A 123 11.61 -36.01 -5.16
C SER A 123 11.01 -36.02 -3.77
N GLY A 124 10.59 -37.19 -3.29
CA GLY A 124 9.96 -37.29 -1.96
C GLY A 124 10.86 -37.35 -0.75
N SER A 125 12.12 -36.97 -0.89
CA SER A 125 13.04 -36.94 0.27
C SER A 125 12.78 -35.70 1.16
N ILE A 126 13.43 -35.68 2.32
CA ILE A 126 13.27 -34.63 3.26
C ILE A 126 13.66 -33.26 2.67
N ASN A 127 14.72 -33.19 1.88
CA ASN A 127 15.02 -31.90 1.29
C ASN A 127 14.62 -31.78 -0.20
N GLY A 128 14.03 -32.84 -0.76
CA GLY A 128 13.62 -32.82 -2.16
C GLY A 128 14.65 -33.32 -3.15
N LEU A 129 15.88 -33.53 -2.69
CA LEU A 129 16.92 -34.01 -3.58
C LEU A 129 17.00 -35.51 -3.57
N PRO A 130 17.40 -36.10 -4.70
CA PRO A 130 17.69 -35.38 -5.95
C PRO A 130 16.37 -35.17 -6.62
N ALA A 131 16.34 -34.24 -7.56
CA ALA A 131 15.13 -33.99 -8.31
C ALA A 131 14.78 -35.17 -9.20
N THR A 132 13.51 -35.36 -9.47
CA THR A 132 13.04 -36.36 -10.43
C THR A 132 12.64 -35.52 -11.67
N THR A 133 12.63 -36.16 -12.82
CA THR A 133 12.20 -35.48 -14.02
C THR A 133 10.91 -36.16 -14.42
N GLU A 134 9.98 -35.41 -14.97
CA GLU A 134 8.74 -35.99 -15.44
C GLU A 134 8.08 -35.08 -16.50
N ALA A 135 7.30 -35.65 -17.41
CA ALA A 135 6.68 -34.85 -18.47
C ALA A 135 5.58 -34.00 -17.92
N ARG A 136 5.31 -32.90 -18.58
CA ARG A 136 4.41 -31.88 -18.11
C ARG A 136 4.09 -30.91 -19.24
N ASN A 137 2.89 -30.34 -19.25
CA ASN A 137 2.59 -29.33 -20.25
C ASN A 137 2.98 -28.00 -19.73
N ILE A 138 3.57 -27.17 -20.57
CA ILE A 138 3.91 -25.82 -20.17
C ILE A 138 3.26 -24.85 -21.11
N TYR A 139 3.15 -23.58 -20.72
CA TYR A 139 2.50 -22.62 -21.60
C TYR A 139 3.04 -21.24 -21.36
N ALA A 140 3.10 -20.48 -22.44
CA ALA A 140 3.55 -19.13 -22.39
C ALA A 140 2.90 -18.34 -23.51
N LEU A 141 2.78 -17.04 -23.36
CA LEU A 141 2.32 -16.24 -24.48
C LEU A 141 3.58 -15.77 -25.18
N THR A 142 3.70 -16.13 -26.45
CA THR A 142 4.90 -15.83 -27.21
C THR A 142 4.70 -14.91 -28.41
N SER A 143 5.79 -14.27 -28.82
CA SER A 143 5.77 -13.37 -29.95
C SER A 143 7.20 -13.20 -30.40
N THR A 144 7.39 -12.34 -31.38
CA THR A 144 8.74 -12.04 -31.81
C THR A 144 8.85 -10.55 -31.99
N VAL A 145 10.04 -10.03 -31.74
CA VAL A 145 10.31 -8.63 -31.92
C VAL A 145 10.27 -8.27 -33.41
N LYS A 146 9.40 -7.36 -33.76
CA LYS A 146 9.29 -6.90 -35.12
C LYS A 146 10.34 -5.78 -35.32
N ALA A 147 10.41 -4.84 -34.37
CA ALA A 147 11.27 -3.65 -34.50
C ALA A 147 11.53 -2.94 -33.15
N LYS A 148 12.55 -2.09 -33.12
CA LYS A 148 12.82 -1.29 -31.94
C LYS A 148 11.75 -0.23 -31.80
N GLY A 149 11.42 0.16 -30.59
CA GLY A 149 10.34 1.12 -30.36
C GLY A 149 9.74 1.06 -28.96
N THR A 150 8.71 1.85 -28.77
CA THR A 150 7.98 1.85 -27.51
C THR A 150 6.50 1.59 -27.84
N GLU A 151 5.95 0.51 -27.28
CA GLU A 151 4.61 0.06 -27.57
C GLU A 151 3.75 -0.01 -26.32
N ASN A 152 2.59 0.62 -26.38
CA ASN A 152 1.64 0.54 -25.30
C ASN A 152 0.89 -0.75 -25.47
N PHE A 153 0.67 -1.45 -24.37
CA PHE A 153 0.01 -2.75 -24.40
C PHE A 153 -1.16 -2.82 -23.51
N VAL A 154 -1.97 -3.81 -23.79
CA VAL A 154 -3.04 -4.24 -22.91
C VAL A 154 -2.71 -5.70 -22.54
N ILE A 155 -2.83 -6.03 -21.26
CA ILE A 155 -2.63 -7.40 -20.81
C ILE A 155 -3.80 -7.80 -19.97
N ARG A 156 -4.46 -8.91 -20.36
CA ARG A 156 -5.65 -9.39 -19.67
C ARG A 156 -5.40 -10.76 -19.16
N PHE A 157 -5.86 -10.99 -17.95
CA PHE A 157 -5.61 -12.25 -17.32
C PHE A 157 -6.73 -12.61 -16.41
N GLY A 158 -6.83 -13.90 -16.13
CA GLY A 158 -7.80 -14.38 -15.17
C GLY A 158 -7.15 -14.43 -13.82
N LEU A 159 -7.91 -14.07 -12.81
CA LEU A 159 -7.43 -14.11 -11.43
C LEU A 159 -8.25 -15.15 -10.69
N TYR A 160 -7.57 -16.23 -10.28
CA TYR A 160 -8.19 -17.38 -9.67
C TYR A 160 -7.77 -17.50 -8.21
N LEU A 161 -8.75 -17.50 -7.31
CA LEU A 161 -8.49 -17.52 -5.89
C LEU A 161 -8.64 -18.91 -5.39
N PHE A 162 -7.83 -19.25 -4.41
CA PHE A 162 -7.92 -20.55 -3.81
C PHE A 162 -9.17 -20.64 -2.97
N ASP A 163 -10.00 -21.65 -3.17
CA ASP A 163 -11.17 -21.87 -2.32
C ASP A 163 -10.85 -23.01 -1.37
N ALA A 164 -10.65 -22.70 -0.09
CA ALA A 164 -10.29 -23.75 0.90
C ALA A 164 -11.31 -24.89 0.99
N GLY A 165 -12.59 -24.55 0.83
CA GLY A 165 -13.67 -25.55 0.78
C GLY A 165 -13.48 -26.68 -0.24
N THR A 166 -13.23 -26.33 -1.50
CA THR A 166 -13.05 -27.33 -2.55
C THR A 166 -11.57 -27.74 -2.79
N GLN A 167 -10.63 -26.97 -2.22
CA GLN A 167 -9.19 -27.18 -2.49
C GLN A 167 -8.90 -26.90 -3.96
N THR A 168 -9.66 -25.97 -4.56
CA THR A 168 -9.49 -25.66 -5.97
C THR A 168 -9.44 -24.15 -6.22
N GLN A 169 -8.83 -23.80 -7.33
CA GLN A 169 -8.70 -22.42 -7.73
C GLN A 169 -9.89 -22.05 -8.64
N LYS A 170 -10.59 -21.00 -8.25
CA LYS A 170 -11.79 -20.59 -8.91
C LYS A 170 -11.67 -19.18 -9.38
N LEU A 171 -12.18 -18.96 -10.57
CA LEU A 171 -12.16 -17.65 -11.17
C LEU A 171 -12.82 -16.67 -10.23
N TRP A 172 -12.12 -15.59 -9.94
CA TRP A 172 -12.69 -14.49 -9.21
C TRP A 172 -13.02 -13.35 -10.19
N SER A 173 -12.05 -12.93 -11.00
CA SER A 173 -12.28 -11.90 -12.01
C SER A 173 -11.26 -11.91 -13.14
N TYR A 174 -11.72 -11.55 -14.35
CA TYR A 174 -10.82 -11.33 -15.47
C TYR A 174 -10.38 -9.86 -15.25
N CYS A 175 -9.12 -9.56 -15.54
CA CYS A 175 -8.54 -8.26 -15.22
C CYS A 175 -7.67 -7.77 -16.33
N GLN A 176 -7.45 -6.46 -16.37
CA GLN A 176 -6.69 -5.84 -17.43
C GLN A 176 -5.77 -4.79 -16.89
N TRP A 177 -4.53 -4.82 -17.37
CA TRP A 177 -3.45 -3.91 -16.99
C TRP A 177 -2.90 -3.34 -18.29
N ASP A 178 -2.48 -2.08 -18.28
CA ASP A 178 -2.01 -1.39 -19.49
C ASP A 178 -0.53 -0.96 -19.40
N PRO A 179 0.39 -1.91 -19.48
CA PRO A 179 1.80 -1.53 -19.39
C PRO A 179 2.35 -0.98 -20.69
N THR A 180 3.57 -0.49 -20.63
CA THR A 180 4.30 0.01 -21.79
C THR A 180 5.60 -0.73 -21.85
N ILE A 181 5.99 -1.16 -23.03
CA ILE A 181 7.19 -1.95 -23.15
C ILE A 181 8.06 -1.35 -24.20
N THR A 182 9.37 -1.35 -23.96
CA THR A 182 10.31 -0.73 -24.88
C THR A 182 11.38 -1.68 -25.28
N VAL A 183 11.57 -1.87 -26.57
CA VAL A 183 12.71 -2.64 -27.04
C VAL A 183 13.63 -1.61 -27.67
N TYR A 184 14.87 -1.59 -27.20
CA TYR A 184 15.84 -0.63 -27.70
C TYR A 184 17.06 -1.34 -28.28
N GLN B 9 12.59 16.18 8.77
CA GLN B 9 13.20 15.72 10.06
C GLN B 9 12.14 15.44 11.16
N ILE B 10 10.94 16.01 10.97
CA ILE B 10 9.81 15.79 11.87
C ILE B 10 8.71 14.93 11.26
N VAL B 11 8.35 13.89 11.97
CA VAL B 11 7.24 13.07 11.58
C VAL B 11 5.97 13.55 12.29
N HIS B 12 4.96 13.94 11.52
CA HIS B 12 3.68 14.35 12.09
C HIS B 12 2.65 13.24 11.99
N VAL B 13 1.90 13.04 13.07
CA VAL B 13 0.86 12.04 13.11
C VAL B 13 -0.49 12.63 13.45
N PHE B 15 -4.00 12.24 14.83
CA PHE B 15 -4.78 11.28 15.59
C PHE B 15 -6.22 11.70 15.46
N LEU B 16 -6.98 10.96 14.66
CA LEU B 16 -8.38 11.29 14.40
C LEU B 16 -9.35 10.47 15.17
N VAL B 17 -10.38 11.12 15.68
CA VAL B 17 -11.35 10.45 16.47
C VAL B 17 -12.75 10.71 15.99
N ASP B 18 -13.50 9.63 15.89
CA ASP B 18 -14.88 9.66 15.49
C ASP B 18 -15.72 9.81 16.75
N THR B 19 -15.87 11.06 17.17
CA THR B 19 -16.62 11.36 18.37
C THR B 19 -18.10 10.94 18.31
N ALA B 20 -18.70 11.04 17.13
CA ALA B 20 -20.09 10.70 16.98
C ALA B 20 -20.30 9.21 17.21
N TYR B 21 -19.38 8.41 16.73
CA TYR B 21 -19.50 6.98 16.89
C TYR B 21 -19.36 6.63 18.34
N ILE B 22 -18.38 7.24 18.99
CA ILE B 22 -18.17 6.95 20.38
C ILE B 22 -19.38 7.36 21.20
N TYR B 23 -19.98 8.50 20.88
CA TYR B 23 -21.13 8.99 21.61
C TYR B 23 -22.35 8.09 21.38
N ALA B 24 -22.38 7.42 20.24
CA ALA B 24 -23.47 6.52 19.94
C ALA B 24 -23.28 5.18 20.65
N LYS B 25 -22.06 4.65 20.64
CA LYS B 25 -21.80 3.34 21.21
C LYS B 25 -21.62 3.30 22.74
N TYR B 26 -20.94 4.26 23.31
CA TYR B 26 -20.67 4.21 24.74
C TYR B 26 -21.68 5.01 25.55
N THR B 27 -22.59 4.28 26.15
CA THR B 27 -23.66 4.85 26.94
C THR B 27 -23.47 4.69 28.48
N THR B 28 -22.45 3.94 28.90
CA THR B 28 -22.17 3.73 30.33
C THR B 28 -20.65 3.80 30.53
N GLY B 29 -20.21 4.03 31.77
CA GLY B 29 -18.78 4.16 32.07
C GLY B 29 -18.14 5.50 31.69
N ILE B 30 -18.98 6.50 31.43
CA ILE B 30 -18.52 7.81 31.07
C ILE B 30 -17.77 8.35 32.26
N SER B 31 -16.56 8.88 32.04
CA SER B 31 -15.74 9.40 33.13
C SER B 31 -15.26 10.82 32.92
N THR B 32 -15.38 11.64 33.96
CA THR B 32 -14.84 12.98 33.95
C THR B 32 -13.66 13.06 34.91
N ASP B 33 -13.14 11.89 35.29
CA ASP B 33 -11.93 11.84 36.09
C ASP B 33 -10.83 11.39 35.12
N PRO B 34 -9.93 12.29 34.77
CA PRO B 34 -8.92 11.96 33.77
C PRO B 34 -7.97 10.84 34.19
N THR B 35 -7.88 10.54 35.49
CA THR B 35 -7.04 9.44 35.98
C THR B 35 -7.75 8.11 35.87
N LYS B 36 -9.01 8.13 35.44
CA LYS B 36 -9.79 6.91 35.31
C LYS B 36 -10.63 7.08 34.07
N PRO B 37 -9.96 7.12 32.91
CA PRO B 37 -10.69 7.36 31.66
C PRO B 37 -11.47 6.12 31.22
N PRO B 39 -12.44 3.25 28.71
CA PRO B 39 -11.76 2.50 27.64
C PRO B 39 -12.61 2.38 26.39
N ILE B 40 -11.95 2.52 25.25
CA ILE B 40 -12.56 2.48 23.93
C ILE B 40 -11.90 1.38 23.15
N ASP B 41 -12.64 0.78 22.22
CA ASP B 41 -12.10 -0.25 21.32
C ASP B 41 -11.52 0.42 20.05
N HIS B 42 -10.98 -0.36 19.13
CA HIS B 42 -10.14 0.18 18.03
C HIS B 42 -10.81 0.71 16.72
N ASN B 43 -12.14 0.81 16.68
CA ASN B 43 -12.87 1.22 15.44
C ASN B 43 -13.06 2.72 15.25
N SER B 44 -12.92 3.53 16.30
CA SER B 44 -13.19 4.96 16.20
C SER B 44 -11.96 5.89 16.17
N GLU B 45 -10.75 5.35 16.18
CA GLU B 45 -9.57 6.17 16.13
C GLU B 45 -8.71 5.70 15.00
N VAL B 46 -8.16 6.64 14.26
CA VAL B 46 -7.29 6.42 13.12
C VAL B 46 -6.01 7.21 13.43
N ALA B 48 -2.86 8.70 11.29
CA ALA B 48 -2.43 8.86 9.90
C ALA B 48 -1.09 9.59 9.87
N CYS B 49 -0.12 9.09 9.11
CA CYS B 49 1.15 9.80 8.91
C CYS B 49 1.52 9.89 7.42
N SER B 50 2.55 10.66 7.11
CA SER B 50 2.93 10.95 5.72
C SER B 50 3.62 9.82 4.98
N PHE B 51 3.38 9.76 3.68
CA PHE B 51 4.02 8.73 2.84
C PHE B 51 5.55 8.87 2.86
N VAL B 52 6.05 10.09 3.03
CA VAL B 52 7.47 10.37 3.14
C VAL B 52 8.20 9.71 4.34
N ASN B 53 7.42 9.25 5.31
CA ASN B 53 7.93 8.49 6.49
C ASN B 53 7.78 6.97 6.31
N LYS B 54 7.50 6.55 5.08
CA LYS B 54 7.36 5.16 4.72
C LYS B 54 6.40 4.41 5.64
N PRO B 55 5.10 4.76 5.61
CA PRO B 55 4.17 3.97 6.39
C PRO B 55 4.07 2.56 5.78
N SER B 56 3.70 1.60 6.61
CA SER B 56 3.58 0.19 6.18
C SER B 56 2.20 -0.11 5.60
N ALA B 61 0.21 -3.61 13.75
CA ALA B 61 0.34 -2.33 14.43
C ALA B 61 -0.62 -1.29 13.89
N ASP B 62 -1.14 -0.45 14.80
CA ASP B 62 -2.08 0.61 14.41
C ASP B 62 -1.38 1.74 13.66
N LEU B 63 -0.07 1.84 13.80
CA LEU B 63 0.74 2.81 13.07
C LEU B 63 2.13 2.23 12.93
N SER B 64 2.74 2.44 11.77
CA SER B 64 4.06 1.89 11.47
C SER B 64 4.73 2.83 10.52
N PHE B 65 5.96 3.20 10.82
CA PHE B 65 6.69 4.07 9.91
C PHE B 65 8.17 3.95 10.15
N SER B 66 8.96 4.49 9.24
CA SER B 66 10.39 4.28 9.30
C SER B 66 11.15 5.57 9.21
N VAL B 67 11.82 5.94 10.29
CA VAL B 67 12.60 7.16 10.35
C VAL B 67 13.82 6.95 11.23
N PRO B 68 14.91 7.68 10.93
CA PRO B 68 16.14 7.55 11.73
C PRO B 68 15.91 7.74 13.23
N ASN B 69 16.71 7.07 14.03
CA ASN B 69 16.63 7.25 15.46
C ASN B 69 16.87 8.73 15.72
N GLN B 70 16.23 9.19 16.81
CA GLN B 70 16.28 10.57 17.26
C GLN B 70 15.47 11.57 16.47
N SER B 71 14.68 11.13 15.49
CA SER B 71 13.81 12.04 14.76
C SER B 71 12.73 12.47 15.74
N THR B 72 12.18 13.66 15.55
CA THR B 72 11.10 14.12 16.35
C THR B 72 9.81 13.60 15.77
N VAL B 73 8.89 13.27 16.66
CA VAL B 73 7.55 12.84 16.29
C VAL B 73 6.53 13.72 17.00
N ALA B 74 5.53 14.14 16.24
CA ALA B 74 4.50 15.02 16.74
C ALA B 74 3.12 14.46 16.49
N PHE B 75 2.33 14.38 17.55
CA PHE B 75 0.97 13.87 17.49
C PHE B 75 -0.05 14.97 17.64
N TRP B 76 -0.97 15.04 16.67
CA TRP B 76 -1.95 16.07 16.64
C TRP B 76 -3.30 15.42 16.71
N GLY B 77 -4.05 15.73 17.76
CA GLY B 77 -5.37 15.13 17.94
C GLY B 77 -6.49 15.96 17.35
N SER B 78 -7.50 15.32 16.80
CA SER B 78 -8.59 16.06 16.20
C SER B 78 -9.80 15.18 16.05
N SER B 79 -10.97 15.78 16.20
CA SER B 79 -12.22 15.11 15.84
C SER B 79 -12.32 15.14 14.33
N LEU B 80 -13.40 14.62 13.79
CA LEU B 80 -13.60 14.68 12.35
C LEU B 80 -14.07 16.05 11.86
N SER B 81 -14.35 16.98 12.76
CA SER B 81 -14.70 18.34 12.37
C SER B 81 -13.52 19.29 12.58
N ASN B 82 -12.32 18.73 12.65
CA ASN B 82 -11.09 19.51 12.91
C ASN B 82 -11.23 20.34 14.18
N ASN B 83 -11.89 19.73 15.17
CA ASN B 83 -12.18 20.35 16.44
C ASN B 83 -13.07 21.57 16.41
N GLY B 84 -13.83 21.71 15.31
CA GLY B 84 -14.73 22.83 15.12
C GLY B 84 -16.13 22.58 15.65
N HIS B 85 -16.54 21.33 15.72
CA HIS B 85 -17.88 20.99 16.24
C HIS B 85 -17.65 20.21 17.57
N ASP B 86 -17.46 18.90 17.51
CA ASP B 86 -16.94 18.20 18.68
C ASP B 86 -15.43 18.36 18.60
N ALA B 87 -14.76 18.00 19.68
CA ALA B 87 -13.32 18.17 19.73
C ALA B 87 -12.65 17.20 20.69
N ILE B 88 -11.37 16.94 20.44
CA ILE B 88 -10.63 16.08 21.31
C ILE B 88 -9.29 16.70 21.55
N ILE B 89 -8.78 16.45 22.75
CA ILE B 89 -7.48 16.90 23.16
C ILE B 89 -6.75 15.77 23.84
N ILE B 90 -5.60 15.39 23.31
CA ILE B 90 -4.80 14.33 23.92
C ILE B 90 -4.08 14.89 25.13
N TYR B 91 -4.18 14.18 26.26
CA TYR B 91 -3.50 14.59 27.46
C TYR B 91 -2.50 13.57 28.02
N ASP B 92 -2.36 12.42 27.37
CA ASP B 92 -1.39 11.43 27.81
C ASP B 92 -1.05 10.50 26.68
N ILE B 93 0.23 10.21 26.55
CA ILE B 93 0.74 9.19 25.63
C ILE B 93 1.89 8.50 26.35
N GLU B 94 1.72 7.23 26.70
CA GLU B 94 2.73 6.51 27.47
C GLU B 94 2.78 5.05 27.13
N LYS B 95 3.93 4.45 27.40
CA LYS B 95 4.14 3.04 27.19
C LYS B 95 3.13 2.28 28.03
N ASN B 96 2.49 1.30 27.42
CA ASN B 96 1.54 0.43 28.07
C ASN B 96 2.27 -0.83 28.53
N THR B 97 2.33 -1.04 29.84
CA THR B 97 3.00 -2.24 30.38
C THR B 97 2.05 -3.36 30.81
N ASN B 98 0.75 -3.16 30.70
CA ASN B 98 -0.21 -4.20 31.06
C ASN B 98 -0.32 -5.37 30.07
N LEU B 99 0.35 -5.30 28.94
CA LEU B 99 0.26 -6.39 27.96
C LEU B 99 1.56 -7.14 27.85
N GLY B 100 2.37 -7.11 28.90
CA GLY B 100 3.66 -7.77 28.87
C GLY B 100 4.80 -6.95 28.29
N PRO B 101 5.95 -7.57 28.03
CA PRO B 101 7.09 -6.80 27.55
C PRO B 101 6.89 -6.24 26.15
N THR B 102 7.36 -5.03 25.98
CA THR B 102 7.18 -4.32 24.74
C THR B 102 8.44 -3.53 24.56
N ASP B 103 8.70 -2.99 23.38
CA ASP B 103 9.99 -2.34 23.18
C ASP B 103 10.02 -0.87 23.64
N ASP B 104 11.21 -0.38 23.91
CA ASP B 104 11.41 0.98 24.33
C ASP B 104 11.76 1.80 23.07
N VAL B 105 10.73 2.10 22.30
CA VAL B 105 10.86 2.76 21.01
C VAL B 105 10.92 4.29 21.10
N PHE B 106 10.11 4.88 21.97
CA PHE B 106 10.00 6.31 22.07
C PHE B 106 10.39 6.85 23.41
N ASN B 107 10.93 8.05 23.46
CA ASN B 107 11.18 8.69 24.73
C ASN B 107 9.87 9.24 25.23
N PRO B 108 9.83 9.61 26.51
CA PRO B 108 8.60 10.14 27.09
C PRO B 108 8.05 11.27 26.28
N PHE B 109 6.74 11.32 26.17
CA PHE B 109 6.10 12.40 25.44
C PHE B 109 5.91 13.62 26.30
N VAL B 110 5.84 14.79 25.68
CA VAL B 110 5.56 16.01 26.43
C VAL B 110 4.51 16.79 25.69
N ASN B 112 3.51 19.97 24.12
CA ASN B 112 4.37 20.97 23.54
C ASN B 112 3.56 22.11 22.90
N GLN B 113 3.48 23.26 23.59
CA GLN B 113 2.72 24.43 23.10
C GLN B 113 3.66 25.51 22.59
N THR B 114 3.40 26.00 21.39
CA THR B 114 4.22 27.02 20.81
C THR B 114 3.37 28.04 20.08
N LEU B 115 3.98 29.18 19.84
CA LEU B 115 3.37 30.25 19.14
C LEU B 115 3.65 30.06 17.66
N LEU B 116 2.62 30.19 16.82
CA LEU B 116 2.79 30.15 15.37
C LEU B 116 2.51 31.58 14.92
N PRO B 117 3.59 32.35 14.67
CA PRO B 117 3.40 33.78 14.37
C PRO B 117 2.55 34.01 13.15
N GLY B 118 2.79 33.23 12.11
CA GLY B 118 2.00 33.39 10.89
C GLY B 118 1.25 32.17 10.44
N GLY B 119 0.13 31.87 11.08
CA GLY B 119 -0.73 30.77 10.60
C GLY B 119 -1.72 31.32 9.59
N VAL B 120 -1.99 30.57 8.54
CA VAL B 120 -2.91 31.05 7.54
C VAL B 120 -4.37 30.61 7.82
N ILE B 121 -5.29 31.52 7.49
CA ILE B 121 -6.70 31.28 7.59
C ILE B 121 -7.32 31.88 6.36
N PRO B 122 -8.50 31.40 5.98
CA PRO B 122 -9.18 32.05 4.91
C PRO B 122 -9.46 33.52 5.28
N SER B 123 -9.48 34.39 4.29
CA SER B 123 -9.89 35.75 4.46
C SER B 123 -11.43 35.76 4.33
N GLY B 124 -12.06 36.93 4.45
CA GLY B 124 -13.52 37.05 4.39
C GLY B 124 -14.16 37.12 3.01
N SER B 125 -13.42 36.76 1.97
CA SER B 125 -14.00 36.76 0.62
C SER B 125 -14.95 35.57 0.40
N ILE B 126 -15.63 35.58 -0.72
CA ILE B 126 -16.56 34.53 -1.07
C ILE B 126 -15.91 33.14 -1.14
N ASN B 127 -14.69 33.04 -1.67
CA ASN B 127 -14.05 31.74 -1.64
C ASN B 127 -12.94 31.59 -0.61
N GLY B 128 -12.69 32.63 0.18
CA GLY B 128 -11.64 32.60 1.24
C GLY B 128 -10.26 33.10 0.80
N LEU B 129 -10.07 33.29 -0.51
CA LEU B 129 -8.77 33.74 -1.01
C LEU B 129 -8.70 35.24 -1.16
N PRO B 130 -7.50 35.79 -1.00
CA PRO B 130 -6.30 35.08 -0.57
C PRO B 130 -6.33 34.89 0.94
N ALA B 131 -5.54 33.95 1.43
CA ALA B 131 -5.47 33.69 2.87
C ALA B 131 -4.88 34.87 3.62
N THR B 132 -5.28 35.02 4.87
CA THR B 132 -4.69 35.99 5.78
C THR B 132 -3.76 35.16 6.67
N THR B 133 -2.79 35.80 7.26
CA THR B 133 -1.93 35.13 8.21
C THR B 133 -2.20 35.82 9.53
N GLU B 134 -2.14 35.05 10.61
CA GLU B 134 -2.33 35.62 11.93
C GLU B 134 -1.72 34.69 13.00
N ALA B 135 -1.29 35.25 14.12
CA ALA B 135 -0.66 34.45 15.17
C ALA B 135 -1.67 33.57 15.87
N ARG B 136 -1.18 32.47 16.43
CA ARG B 136 -2.02 31.45 17.03
C ARG B 136 -1.16 30.48 17.82
N ASN B 137 -1.71 29.91 18.87
CA ASN B 137 -0.97 28.90 19.61
C ASN B 137 -1.26 27.58 19.01
N ILE B 138 -0.27 26.73 18.90
CA ILE B 138 -0.48 25.40 18.41
C ILE B 138 0.01 24.45 19.47
N TYR B 139 -0.44 23.21 19.42
CA TYR B 139 0.05 22.26 20.39
C TYR B 139 0.08 20.86 19.81
N ALA B 140 1.08 20.10 20.24
CA ALA B 140 1.23 18.73 19.82
C ALA B 140 1.90 17.95 20.93
N LEU B 141 1.69 16.64 20.97
CA LEU B 141 2.43 15.82 21.92
C LEU B 141 3.61 15.26 21.17
N THR B 142 4.80 15.59 21.65
CA THR B 142 6.00 15.29 20.93
C THR B 142 6.92 14.34 21.69
N SER B 143 7.79 13.68 20.92
CA SER B 143 8.77 12.76 21.45
C SER B 143 9.88 12.58 20.43
N THR B 144 10.82 11.71 20.73
CA THR B 144 11.84 11.36 19.77
C THR B 144 11.99 9.87 19.77
N VAL B 145 12.29 9.33 18.59
CA VAL B 145 12.50 7.92 18.42
C VAL B 145 13.80 7.52 19.13
N LYS B 146 13.69 6.58 20.05
CA LYS B 146 14.84 6.08 20.78
C LYS B 146 15.46 4.96 19.93
N ALA B 147 14.62 4.05 19.42
CA ALA B 147 15.09 2.86 18.72
C ALA B 147 14.01 2.19 17.86
N LYS B 148 14.41 1.31 16.96
CA LYS B 148 13.44 0.57 16.15
C LYS B 148 12.78 -0.46 17.04
N GLY B 149 11.54 -0.78 16.77
CA GLY B 149 10.83 -1.73 17.57
C GLY B 149 9.32 -1.60 17.47
N THR B 150 8.64 -2.38 18.29
CA THR B 150 7.19 -2.34 18.37
C THR B 150 6.82 -2.10 19.84
N GLU B 151 6.08 -1.03 20.09
CA GLU B 151 5.75 -0.60 21.43
C GLU B 151 4.26 -0.48 21.60
N ASN B 152 3.76 -1.06 22.67
CA ASN B 152 2.36 -0.92 23.04
C ASN B 152 2.20 0.39 23.76
N PHE B 153 1.15 1.13 23.43
CA PHE B 153 0.91 2.45 24.02
C PHE B 153 -0.44 2.56 24.66
N VAL B 154 -0.56 3.57 25.51
CA VAL B 154 -1.80 4.04 26.08
C VAL B 154 -1.96 5.50 25.63
N ILE B 155 -3.14 5.85 25.10
CA ILE B 155 -3.41 7.20 24.69
C ILE B 155 -4.69 7.63 25.32
N ARG B 156 -4.62 8.74 26.08
CA ARG B 156 -5.78 9.27 26.77
C ARG B 156 -6.09 10.67 26.26
N PHE B 157 -7.37 10.93 26.09
CA PHE B 157 -7.77 12.19 25.56
C PHE B 157 -9.12 12.60 26.10
N GLY B 158 -9.38 13.89 26.02
CA GLY B 158 -10.66 14.42 26.42
C GLY B 158 -11.54 14.52 25.20
N LEU B 159 -12.80 14.16 25.39
CA LEU B 159 -13.77 14.19 24.32
C LEU B 159 -14.79 15.26 24.70
N TYR B 160 -14.82 16.30 23.88
CA TYR B 160 -15.65 17.46 24.12
C TYR B 160 -16.73 17.53 23.04
N LEU B 161 -17.98 17.56 23.47
CA LEU B 161 -19.10 17.63 22.57
C LEU B 161 -19.59 19.04 22.47
N PHE B 162 -20.06 19.37 21.30
CA PHE B 162 -20.62 20.70 21.06
C PHE B 162 -21.96 20.82 21.75
N ASP B 163 -22.14 21.84 22.58
CA ASP B 163 -23.45 22.07 23.20
C ASP B 163 -24.13 23.22 22.44
N ALA B 164 -25.15 22.91 21.64
CA ALA B 164 -25.82 23.95 20.84
C ALA B 164 -26.39 25.11 21.70
N GLY B 165 -26.86 24.78 22.90
CA GLY B 165 -27.31 25.78 23.87
C GLY B 165 -26.30 26.89 24.16
N THR B 166 -25.09 26.53 24.57
CA THR B 166 -24.06 27.53 24.90
C THR B 166 -23.14 27.94 23.73
N GLN B 167 -23.20 27.18 22.63
CA GLN B 167 -22.28 27.37 21.50
C GLN B 167 -20.85 27.09 21.97
N THR B 168 -20.69 26.17 22.91
CA THR B 168 -19.38 25.84 23.44
C THR B 168 -19.17 24.34 23.52
N GLN B 169 -17.90 23.96 23.51
CA GLN B 169 -17.51 22.54 23.58
C GLN B 169 -17.28 22.18 25.04
N LYS B 170 -17.99 21.16 25.49
CA LYS B 170 -17.94 20.74 26.89
C LYS B 170 -17.47 19.30 27.01
N LEU B 171 -16.65 19.07 28.01
CA LEU B 171 -16.15 17.78 28.32
C LEU B 171 -17.29 16.82 28.49
N TRP B 172 -17.23 15.71 27.77
CA TRP B 172 -18.22 14.67 27.92
C TRP B 172 -17.58 13.49 28.66
N SER B 173 -16.41 13.06 28.18
CA SER B 173 -15.65 12.01 28.88
C SER B 173 -14.17 12.02 28.55
N TYR B 174 -13.35 11.61 29.51
CA TYR B 174 -11.95 11.37 29.24
C TYR B 174 -11.97 9.90 28.77
N CYS B 175 -11.09 9.56 27.85
CA CYS B 175 -11.13 8.26 27.21
C CYS B 175 -9.73 7.74 26.99
N GLN B 176 -9.63 6.43 26.80
CA GLN B 176 -8.35 5.77 26.63
C GLN B 176 -8.42 4.74 25.57
N TRP B 177 -7.40 4.74 24.72
CA TRP B 177 -7.27 3.81 23.61
C TRP B 177 -5.88 3.19 23.76
N ASP B 178 -5.72 1.93 23.38
CA ASP B 178 -4.41 1.25 23.52
C ASP B 178 -3.85 0.78 22.19
N PRO B 179 -3.27 1.70 21.43
CA PRO B 179 -2.72 1.28 20.16
C PRO B 179 -1.34 0.67 20.29
N THR B 180 -0.84 0.15 19.17
CA THR B 180 0.51 -0.38 19.04
C THR B 180 1.18 0.37 17.91
N ILE B 181 2.43 0.77 18.12
CA ILE B 181 3.11 1.55 17.13
C ILE B 181 4.42 0.89 16.85
N THR B 182 4.82 0.91 15.58
CA THR B 182 6.04 0.27 15.17
C THR B 182 6.91 1.23 14.40
N VAL B 183 8.16 1.37 14.82
CA VAL B 183 9.15 2.08 14.01
C VAL B 183 10.13 1.04 13.49
N TYR B 184 10.26 0.96 12.16
CA TYR B 184 11.08 -0.04 11.52
C TYR B 184 12.12 0.61 10.66
N ILE C 10 -25.65 16.59 10.86
CA ILE C 10 -24.49 17.12 10.05
C ILE C 10 -23.41 16.09 9.81
N VAL C 11 -23.09 15.89 8.55
CA VAL C 11 -22.03 14.99 8.20
C VAL C 11 -20.75 15.78 8.04
N HIS C 12 -19.73 15.45 8.84
CA HIS C 12 -18.45 16.14 8.74
C HIS C 12 -17.45 15.28 7.99
N VAL C 13 -16.68 15.91 7.12
CA VAL C 13 -15.67 15.20 6.35
C VAL C 13 -14.31 15.82 6.53
N PHE C 15 -10.75 16.44 5.30
CA PHE C 15 -10.02 16.33 4.06
C PHE C 15 -8.57 16.47 4.44
N LEU C 16 -7.85 15.37 4.51
CA LEU C 16 -6.43 15.38 4.89
C LEU C 16 -5.50 15.35 3.72
N VAL C 17 -4.45 16.17 3.82
CA VAL C 17 -3.48 16.28 2.76
C VAL C 17 -2.06 16.09 3.25
N ASP C 18 -1.34 15.27 2.52
CA ASP C 18 0.04 14.92 2.84
C ASP C 18 0.94 15.90 2.09
N THR C 19 1.14 17.06 2.70
CA THR C 19 1.85 18.14 2.08
C THR C 19 3.29 17.77 1.82
N ALA C 20 3.86 16.98 2.70
CA ALA C 20 5.24 16.57 2.50
C ALA C 20 5.39 15.71 1.23
N TYR C 21 4.43 14.82 0.99
CA TYR C 21 4.50 13.95 -0.18
C TYR C 21 4.36 14.77 -1.43
N ILE C 22 3.40 15.68 -1.42
CA ILE C 22 3.19 16.51 -2.57
C ILE C 22 4.41 17.39 -2.86
N TYR C 23 5.02 17.93 -1.82
CA TYR C 23 6.20 18.77 -1.99
C TYR C 23 7.41 17.96 -2.52
N ALA C 24 7.44 16.66 -2.21
CA ALA C 24 8.51 15.80 -2.66
C ALA C 24 8.28 15.40 -4.12
N LYS C 25 7.04 15.05 -4.47
CA LYS C 25 6.72 14.56 -5.81
C LYS C 25 6.56 15.64 -6.90
N TYR C 26 5.87 16.74 -6.62
CA TYR C 26 5.61 17.76 -7.65
C TYR C 26 6.64 18.89 -7.66
N THR C 27 7.55 18.78 -8.61
CA THR C 27 8.69 19.67 -8.74
C THR C 27 8.57 20.60 -9.93
N THR C 28 7.51 20.43 -10.73
CA THR C 28 7.23 21.34 -11.82
C THR C 28 5.74 21.65 -11.83
N GLY C 29 5.34 22.72 -12.51
CA GLY C 29 3.89 23.04 -12.64
C GLY C 29 3.28 23.72 -11.43
N ILE C 30 4.14 24.20 -10.53
CA ILE C 30 3.74 24.88 -9.32
C ILE C 30 3.02 26.15 -9.71
N SER C 31 1.81 26.36 -9.19
CA SER C 31 1.00 27.51 -9.58
C SER C 31 0.54 28.36 -8.41
N THR C 32 0.73 29.67 -8.54
CA THR C 32 0.24 30.61 -7.55
C THR C 32 -0.95 31.36 -8.16
N ASP C 33 -1.53 30.84 -9.22
CA ASP C 33 -2.74 31.41 -9.79
C ASP C 33 -3.82 30.43 -9.40
N PRO C 34 -4.75 30.84 -8.51
CA PRO C 34 -5.76 29.92 -8.01
C PRO C 34 -6.77 29.50 -9.07
N THR C 35 -6.85 30.22 -10.18
CA THR C 35 -7.70 29.78 -11.30
C THR C 35 -7.03 28.77 -12.20
N LYS C 36 -5.79 28.44 -11.93
CA LYS C 36 -5.03 27.50 -12.71
C LYS C 36 -4.19 26.72 -11.73
N PRO C 37 -4.86 25.94 -10.91
CA PRO C 37 -4.13 25.18 -9.92
C PRO C 37 -3.39 24.03 -10.52
N PRO C 39 -2.64 20.26 -10.96
CA PRO C 39 -3.24 18.97 -10.72
C PRO C 39 -2.35 18.01 -9.94
N ILE C 40 -2.97 17.27 -9.06
CA ILE C 40 -2.28 16.28 -8.30
C ILE C 40 -3.04 14.94 -8.39
N ASP C 41 -2.35 13.83 -8.18
CA ASP C 41 -2.96 12.52 -8.28
C ASP C 41 -3.58 12.10 -6.93
N HIS C 42 -4.14 10.89 -6.88
CA HIS C 42 -4.96 10.44 -5.76
C HIS C 42 -4.26 9.85 -4.51
N ASN C 43 -2.93 9.90 -4.44
CA ASN C 43 -2.17 9.27 -3.32
C ASN C 43 -2.06 10.06 -2.03
N SER C 44 -2.15 11.37 -2.16
CA SER C 44 -1.85 12.26 -1.05
C SER C 44 -3.02 12.88 -0.34
N GLU C 45 -4.24 12.55 -0.74
CA GLU C 45 -5.40 13.12 -0.09
C GLU C 45 -6.28 12.01 0.33
N VAL C 46 -6.86 12.16 1.49
CA VAL C 46 -7.80 11.19 1.98
C VAL C 46 -8.98 11.96 2.55
N ALA C 48 -12.11 11.49 5.17
CA ALA C 48 -12.59 10.61 6.24
C ALA C 48 -13.91 11.14 6.82
N CYS C 49 -14.92 10.27 6.97
CA CYS C 49 -16.19 10.65 7.63
C CYS C 49 -16.60 9.63 8.73
N SER C 50 -17.61 9.99 9.52
CA SER C 50 -18.04 9.19 10.68
C SER C 50 -18.79 7.89 10.34
N PHE C 51 -18.61 6.88 11.17
CA PHE C 51 -19.26 5.60 10.98
C PHE C 51 -20.79 5.75 11.05
N VAL C 52 -21.30 6.70 11.84
CA VAL C 52 -22.77 6.89 11.97
C VAL C 52 -23.42 7.36 10.65
N ASN C 53 -22.58 7.79 9.70
CA ASN C 53 -23.01 8.16 8.35
C ASN C 53 -22.88 6.99 7.35
N LYS C 54 -22.66 5.79 7.88
CA LYS C 54 -22.56 4.59 7.10
C LYS C 54 -21.61 4.75 5.94
N PRO C 55 -20.31 4.97 6.23
CA PRO C 55 -19.38 4.93 5.11
C PRO C 55 -19.33 3.54 4.51
N SER C 56 -18.99 3.48 3.23
CA SER C 56 -18.90 2.26 2.48
C SER C 56 -17.62 2.38 1.68
N LYS C 57 -16.61 1.59 2.04
CA LYS C 57 -15.35 1.57 1.28
C LYS C 57 -15.55 0.68 0.04
N GLN C 58 -16.81 0.47 -0.31
CA GLN C 58 -17.23 -0.29 -1.47
C GLN C 58 -17.83 0.62 -2.56
N GLY C 59 -17.22 0.59 -3.74
CA GLY C 59 -17.66 1.39 -4.88
C GLY C 59 -16.50 1.98 -5.68
N THR C 60 -16.86 2.75 -6.70
CA THR C 60 -15.91 3.45 -7.57
C THR C 60 -15.56 4.82 -6.99
N ALA C 61 -15.72 5.00 -5.68
CA ALA C 61 -15.61 6.33 -5.08
C ALA C 61 -14.56 6.57 -3.97
N ASP C 62 -14.01 7.77 -3.97
CA ASP C 62 -13.08 8.19 -2.95
C ASP C 62 -13.78 8.46 -1.59
N LEU C 63 -15.08 8.66 -1.60
CA LEU C 63 -15.86 8.83 -0.40
C LEU C 63 -17.26 8.38 -0.70
N SER C 64 -17.87 7.69 0.25
CA SER C 64 -19.19 7.10 0.04
C SER C 64 -19.89 7.03 1.38
N PHE C 65 -21.10 7.56 1.47
CA PHE C 65 -21.84 7.53 2.72
C PHE C 65 -23.33 7.67 2.50
N SER C 66 -24.12 7.42 3.54
CA SER C 66 -25.55 7.39 3.38
C SER C 66 -26.25 8.21 4.40
N VAL C 67 -26.89 9.29 3.95
CA VAL C 67 -27.64 10.18 4.83
C VAL C 67 -28.85 10.71 4.11
N PRO C 68 -29.91 11.05 4.88
CA PRO C 68 -31.13 11.58 4.26
C PRO C 68 -30.88 12.78 3.37
N ASN C 69 -31.71 12.94 2.34
CA ASN C 69 -31.62 14.11 1.51
C ASN C 69 -31.81 15.32 2.40
N GLN C 70 -31.16 16.41 1.98
CA GLN C 70 -31.13 17.67 2.69
C GLN C 70 -30.27 17.74 3.95
N SER C 71 -29.53 16.68 4.29
CA SER C 71 -28.60 16.75 5.42
C SER C 71 -27.49 17.72 5.04
N THR C 72 -26.91 18.37 6.04
CA THR C 72 -25.81 19.25 5.81
C THR C 72 -24.53 18.45 5.79
N VAL C 73 -23.64 18.84 4.89
CA VAL C 73 -22.32 18.26 4.81
C VAL C 73 -21.27 19.34 4.96
N ALA C 74 -20.27 19.07 5.79
CA ALA C 74 -19.21 20.03 6.06
C ALA C 74 -17.84 19.42 5.83
N PHE C 75 -17.04 20.11 5.02
CA PHE C 75 -15.70 19.67 4.70
C PHE C 75 -14.65 20.49 5.42
N TRP C 76 -13.74 19.80 6.10
CA TRP C 76 -12.69 20.44 6.87
C TRP C 76 -11.33 19.99 6.36
N GLY C 77 -10.59 20.93 5.80
CA GLY C 77 -9.30 20.65 5.20
C GLY C 77 -8.18 20.78 6.19
N SER C 78 -7.19 19.90 6.11
CA SER C 78 -6.07 19.94 7.05
C SER C 78 -4.88 19.19 6.54
N SER C 79 -3.70 19.70 6.89
CA SER C 79 -2.46 19.00 6.63
C SER C 79 -2.37 17.92 7.70
N LEU C 80 -1.31 17.14 7.66
CA LEU C 80 -1.10 16.12 8.70
C LEU C 80 -0.59 16.70 10.00
N SER C 81 -0.31 18.00 10.04
CA SER C 81 0.08 18.66 11.31
C SER C 81 -1.07 19.53 11.84
N ASN C 82 -2.28 19.26 11.38
CA ASN C 82 -3.47 19.98 11.78
C ASN C 82 -3.29 21.46 11.48
N ASN C 83 -2.63 21.73 10.36
CA ASN C 83 -2.34 23.08 9.93
C ASN C 83 -1.42 23.88 10.85
N GLY C 84 -0.69 23.18 11.71
CA GLY C 84 0.26 23.78 12.63
C GLY C 84 1.66 23.95 12.03
N HIS C 85 2.04 23.15 11.04
CA HIS C 85 3.36 23.29 10.43
C HIS C 85 3.11 23.69 8.98
N ASP C 86 2.88 22.73 8.08
CA ASP C 86 2.35 23.07 6.77
C ASP C 86 0.83 23.13 6.97
N ALA C 87 0.14 23.69 5.97
CA ALA C 87 -1.30 23.88 6.07
C ALA C 87 -1.97 23.90 4.73
N ILE C 88 -3.25 23.54 4.73
CA ILE C 88 -4.02 23.64 3.51
C ILE C 88 -5.35 24.27 3.78
N ILE C 89 -5.85 24.97 2.78
CA ILE C 89 -7.13 25.61 2.86
C ILE C 89 -7.86 25.37 1.58
N ILE C 90 -9.02 24.73 1.68
CA ILE C 90 -9.83 24.46 0.51
C ILE C 90 -10.52 25.74 0.11
N TYR C 91 -10.49 26.04 -1.17
CA TYR C 91 -11.16 27.23 -1.68
C TYR C 91 -12.19 26.98 -2.76
N ASP C 92 -12.33 25.72 -3.17
CA ASP C 92 -13.32 25.38 -4.17
C ASP C 92 -13.69 23.93 -4.11
N ILE C 93 -14.98 23.69 -4.23
CA ILE C 93 -15.51 22.34 -4.34
C ILE C 93 -16.67 22.45 -5.31
N GLU C 94 -16.54 21.82 -6.47
CA GLU C 94 -17.57 21.88 -7.51
C GLU C 94 -17.67 20.61 -8.33
N LYS C 95 -18.82 20.43 -8.96
CA LYS C 95 -19.07 19.33 -9.86
C LYS C 95 -18.06 19.37 -11.01
N ASN C 96 -17.45 18.22 -11.29
CA ASN C 96 -16.50 18.07 -12.38
C ASN C 96 -17.24 17.55 -13.60
N THR C 97 -17.28 18.34 -14.67
CA THR C 97 -17.99 17.92 -15.89
C THR C 97 -17.05 17.40 -16.99
N ASN C 98 -15.74 17.43 -16.76
CA ASN C 98 -14.79 16.94 -17.76
C ASN C 98 -14.69 15.44 -17.85
N LEU C 99 -15.41 14.70 -17.02
CA LEU C 99 -15.39 13.25 -17.14
C LEU C 99 -16.75 12.71 -17.58
N GLY C 100 -17.53 13.52 -18.31
CA GLY C 100 -18.83 13.08 -18.82
C GLY C 100 -19.97 13.30 -17.83
N PRO C 101 -21.15 12.73 -18.11
CA PRO C 101 -22.28 12.93 -17.20
C PRO C 101 -22.08 12.29 -15.84
N THR C 102 -22.51 13.00 -14.82
CA THR C 102 -22.33 12.57 -13.42
C THR C 102 -23.59 13.04 -12.70
N ASP C 103 -23.85 12.59 -11.50
CA ASP C 103 -25.13 12.97 -10.87
C ASP C 103 -25.11 14.29 -10.09
N ASP C 104 -26.28 14.86 -9.89
CA ASP C 104 -26.41 16.12 -9.19
C ASP C 104 -26.76 15.82 -7.73
N VAL C 105 -25.72 15.42 -7.00
CA VAL C 105 -25.89 14.90 -5.64
C VAL C 105 -25.87 15.96 -4.57
N PHE C 106 -25.05 16.98 -4.78
CA PHE C 106 -24.92 18.06 -3.81
C PHE C 106 -25.30 19.42 -4.36
N ASN C 107 -25.85 20.28 -3.51
CA ASN C 107 -26.04 21.67 -3.88
C ASN C 107 -24.69 22.40 -3.84
N PRO C 108 -24.65 23.62 -4.40
CA PRO C 108 -23.40 24.37 -4.45
C PRO C 108 -22.80 24.52 -3.09
N PHE C 109 -21.49 24.40 -3.01
CA PHE C 109 -20.78 24.57 -1.76
C PHE C 109 -20.52 26.04 -1.49
N VAL C 110 -20.42 26.39 -0.22
CA VAL C 110 -20.09 27.76 0.15
C VAL C 110 -19.04 27.74 1.24
N ASN C 112 -17.94 28.78 4.57
CA ASN C 112 -18.77 29.09 5.69
C ASN C 112 -17.91 29.39 6.95
N GLN C 113 -17.80 30.68 7.31
CA GLN C 113 -17.04 31.13 8.48
C GLN C 113 -17.96 31.52 9.62
N THR C 114 -17.70 30.98 10.80
CA THR C 114 -18.49 31.27 11.96
C THR C 114 -17.63 31.38 13.19
N LEU C 115 -18.20 32.00 14.20
CA LEU C 115 -17.58 32.20 15.45
C LEU C 115 -17.89 30.98 16.31
N LEU C 116 -16.86 30.44 16.98
CA LEU C 116 -17.07 29.40 17.93
C LEU C 116 -16.78 30.08 19.28
N PRO C 117 -17.82 30.48 20.01
CA PRO C 117 -17.62 31.17 21.28
C PRO C 117 -16.79 30.39 22.26
N GLY C 118 -17.06 29.09 22.38
CA GLY C 118 -16.30 28.28 23.31
C GLY C 118 -15.60 27.07 22.73
N GLY C 119 -14.48 27.30 22.07
CA GLY C 119 -13.63 26.20 21.60
C GLY C 119 -12.62 25.82 22.68
N VAL C 120 -12.41 24.53 22.85
CA VAL C 120 -11.50 24.09 23.88
C VAL C 120 -10.08 23.98 23.35
N ILE C 121 -9.15 24.38 24.21
CA ILE C 121 -7.75 24.23 23.96
C ILE C 121 -7.10 23.71 25.23
N PRO C 122 -5.90 23.12 25.12
CA PRO C 122 -5.26 22.75 26.33
C PRO C 122 -4.96 24.01 27.12
N SER C 123 -4.91 23.86 28.43
CA SER C 123 -4.45 24.93 29.32
C SER C 123 -2.93 24.79 29.43
N GLY C 124 -2.27 25.68 30.18
CA GLY C 124 -0.79 25.66 30.30
C GLY C 124 -0.17 24.69 31.30
N SER C 125 -0.93 23.69 31.75
CA SER C 125 -0.38 22.71 32.66
C SER C 125 0.52 21.69 31.91
N ILE C 126 1.20 20.87 32.67
CA ILE C 126 2.09 19.88 32.10
C ILE C 126 1.38 18.90 31.14
N ASN C 127 0.16 18.48 31.46
CA ASN C 127 -0.54 17.61 30.52
C ASN C 127 -1.68 18.30 29.74
N GLY C 128 -1.85 19.61 29.94
CA GLY C 128 -2.86 20.36 29.20
C GLY C 128 -4.23 20.41 29.86
N LEU C 129 -4.41 19.64 30.93
CA LEU C 129 -5.69 19.65 31.63
C LEU C 129 -5.72 20.59 32.79
N PRO C 130 -6.90 21.11 33.10
CA PRO C 130 -8.11 20.95 32.30
C PRO C 130 -8.07 21.88 31.13
N ALA C 131 -8.88 21.60 30.12
CA ALA C 131 -8.94 22.45 28.95
C ALA C 131 -9.53 23.79 29.29
N THR C 132 -9.10 24.79 28.55
CA THR C 132 -9.66 26.12 28.65
C THR C 132 -10.60 26.20 27.48
N THR C 133 -11.54 27.10 27.58
CA THR C 133 -12.44 27.37 26.48
C THR C 133 -12.14 28.80 26.07
N GLU C 134 -12.22 29.08 24.77
CA GLU C 134 -11.95 30.41 24.26
C GLU C 134 -12.54 30.60 22.87
N ALA C 135 -12.91 31.82 22.51
CA ALA C 135 -13.54 32.07 21.21
C ALA C 135 -12.55 31.94 20.08
N ARG C 136 -13.07 31.60 18.91
CA ARG C 136 -12.25 31.29 17.76
C ARG C 136 -13.09 31.24 16.50
N ASN C 137 -12.52 31.63 15.38
CA ASN C 137 -13.25 31.54 14.14
C ASN C 137 -12.98 30.18 13.56
N ILE C 138 -14.02 29.54 13.05
CA ILE C 138 -13.85 28.27 12.38
C ILE C 138 -14.36 28.41 10.96
N TYR C 139 -14.00 27.50 10.10
CA TYR C 139 -14.48 27.56 8.75
C TYR C 139 -14.56 26.18 8.12
N ALA C 140 -15.56 26.01 7.27
CA ALA C 140 -15.74 24.76 6.58
C ALA C 140 -16.39 25.08 5.27
N LEU C 141 -16.23 24.18 4.30
CA LEU C 141 -17.01 24.32 3.09
C LEU C 141 -18.25 23.44 3.27
N THR C 142 -19.43 24.06 3.18
CA THR C 142 -20.69 23.35 3.44
C THR C 142 -21.63 23.28 2.25
N SER C 143 -22.53 22.30 2.30
CA SER C 143 -23.51 22.05 1.27
C SER C 143 -24.62 21.18 1.86
N THR C 144 -25.56 20.78 1.03
CA THR C 144 -26.60 19.87 1.48
C THR C 144 -26.81 18.84 0.40
N VAL C 145 -27.17 17.64 0.81
CA VAL C 145 -27.45 16.56 -0.11
C VAL C 145 -28.74 16.82 -0.87
N LYS C 146 -28.63 16.88 -2.18
CA LYS C 146 -29.78 17.14 -3.04
C LYS C 146 -30.45 15.80 -3.30
N ALA C 147 -29.66 14.78 -3.62
CA ALA C 147 -30.17 13.46 -3.99
C ALA C 147 -29.13 12.34 -3.89
N LYS C 148 -29.57 11.09 -3.86
CA LYS C 148 -28.65 9.97 -3.90
C LYS C 148 -28.01 9.93 -5.27
N GLY C 149 -26.78 9.42 -5.35
CA GLY C 149 -26.08 9.35 -6.62
C GLY C 149 -24.56 9.27 -6.49
N THR C 150 -23.91 9.32 -7.63
CA THR C 150 -22.46 9.37 -7.65
C THR C 150 -22.05 10.59 -8.47
N GLU C 151 -21.28 11.48 -7.86
CA GLU C 151 -20.88 12.75 -8.47
C GLU C 151 -19.36 12.92 -8.52
N ASN C 152 -18.85 13.25 -9.70
CA ASN C 152 -17.44 13.58 -9.88
C ASN C 152 -17.21 15.01 -9.47
N PHE C 153 -16.15 15.24 -8.71
CA PHE C 153 -15.89 16.56 -8.15
C PHE C 153 -14.55 17.06 -8.49
N VAL C 154 -14.41 18.36 -8.34
CA VAL C 154 -13.13 19.03 -8.40
C VAL C 154 -12.93 19.67 -7.03
N ILE C 155 -11.75 19.51 -6.44
CA ILE C 155 -11.44 20.15 -5.15
C ILE C 155 -10.13 20.88 -5.27
N ARG C 156 -10.17 22.19 -4.99
CA ARG C 156 -9.01 23.03 -5.09
C ARG C 156 -8.67 23.62 -3.75
N PHE C 157 -7.38 23.67 -3.47
CA PHE C 157 -6.94 24.14 -2.19
C PHE C 157 -5.58 24.78 -2.29
N GLY C 158 -5.27 25.60 -1.31
CA GLY C 158 -3.99 26.21 -1.22
C GLY C 158 -3.14 25.34 -0.35
N LEU C 159 -1.89 25.20 -0.75
CA LEU C 159 -0.92 24.47 0.01
C LEU C 159 0.11 25.48 0.50
N TYR C 160 0.15 25.64 1.82
CA TYR C 160 1.04 26.58 2.48
C TYR C 160 2.11 25.83 3.24
N LEU C 161 3.37 26.16 2.96
CA LEU C 161 4.49 25.52 3.62
C LEU C 161 5.01 26.39 4.70
N PHE C 162 5.48 25.78 5.76
CA PHE C 162 6.08 26.51 6.86
C PHE C 162 7.43 27.04 6.42
N ASP C 163 7.68 28.34 6.58
CA ASP C 163 8.99 28.92 6.31
C ASP C 163 9.72 29.15 7.66
N ALA C 164 10.73 28.34 7.98
CA ALA C 164 11.42 28.42 9.29
C ALA C 164 12.03 29.80 9.53
N GLY C 165 12.50 30.43 8.45
CA GLY C 165 13.00 31.80 8.51
C GLY C 165 12.02 32.79 9.14
N THR C 166 10.80 32.87 8.61
CA THR C 166 9.82 33.85 9.12
C THR C 166 8.91 33.32 10.22
N GLN C 167 8.92 32.00 10.43
CA GLN C 167 8.01 31.35 11.36
C GLN C 167 6.57 31.52 10.86
N THR C 168 6.41 31.58 9.55
CA THR C 168 5.08 31.76 8.95
C THR C 168 4.82 30.77 7.78
N GLN C 169 3.54 30.52 7.56
CA GLN C 169 3.10 29.66 6.51
C GLN C 169 2.90 30.50 5.25
N LYS C 170 3.56 30.08 4.18
CA LYS C 170 3.52 30.76 2.89
C LYS C 170 3.02 29.89 1.80
N LEU C 171 2.21 30.49 0.96
CA LEU C 171 1.65 29.80 -0.16
C LEU C 171 2.76 29.20 -0.97
N TRP C 172 2.67 27.92 -1.25
CA TRP C 172 3.61 27.27 -2.16
C TRP C 172 2.89 27.07 -3.54
N SER C 173 1.70 26.46 -3.50
CA SER C 173 0.95 26.27 -4.72
C SER C 173 -0.53 26.09 -4.44
N TYR C 174 -1.35 26.54 -5.40
CA TYR C 174 -2.77 26.17 -5.40
C TYR C 174 -2.82 24.80 -6.15
N CYS C 175 -3.71 23.91 -5.73
CA CYS C 175 -3.70 22.54 -6.22
C CYS C 175 -5.10 22.05 -6.42
N GLN C 176 -5.24 21.04 -7.28
CA GLN C 176 -6.53 20.48 -7.61
C GLN C 176 -6.52 18.99 -7.65
N TRP C 177 -7.52 18.38 -7.02
CA TRP C 177 -7.71 16.95 -6.94
C TRP C 177 -9.11 16.65 -7.45
N ASP C 178 -9.31 15.51 -8.10
CA ASP C 178 -10.61 15.16 -8.68
C ASP C 178 -11.25 13.90 -8.11
N PRO C 179 -11.77 13.99 -6.91
CA PRO C 179 -12.38 12.83 -6.32
C PRO C 179 -13.81 12.60 -6.78
N THR C 180 -14.34 11.43 -6.40
CA THR C 180 -15.67 11.01 -6.73
C THR C 180 -16.34 10.69 -5.43
N ILE C 181 -17.57 11.15 -5.26
CA ILE C 181 -18.24 10.99 -4.01
C ILE C 181 -19.56 10.38 -4.29
N THR C 182 -19.98 9.47 -3.41
CA THR C 182 -21.25 8.76 -3.60
C THR C 182 -22.12 8.86 -2.37
N VAL C 183 -23.36 9.27 -2.54
CA VAL C 183 -24.31 9.23 -1.45
C VAL C 183 -25.32 8.17 -1.84
N TYR C 184 -25.49 7.20 -0.97
CA TYR C 184 -26.36 6.10 -1.25
C TYR C 184 -27.44 5.97 -0.18
N ILE D 10 -1.29 -16.49 5.46
CA ILE D 10 -0.05 -17.01 4.79
C ILE D 10 0.70 -15.99 3.94
N VAL D 11 1.95 -15.81 4.26
CA VAL D 11 2.78 -14.92 3.48
C VAL D 11 3.52 -15.70 2.42
N HIS D 12 3.31 -15.36 1.15
CA HIS D 12 4.02 -16.03 0.09
C HIS D 12 5.19 -15.20 -0.41
N VAL D 13 6.31 -15.86 -0.67
CA VAL D 13 7.49 -15.18 -1.19
C VAL D 13 8.00 -15.87 -2.44
N PHE D 15 10.81 -16.63 -4.85
CA PHE D 15 12.26 -16.57 -4.95
C PHE D 15 12.63 -16.75 -6.41
N LEU D 16 12.98 -15.65 -7.07
CA LEU D 16 13.31 -15.67 -8.50
C LEU D 16 14.78 -15.71 -8.77
N VAL D 17 15.14 -16.50 -9.78
CA VAL D 17 16.50 -16.64 -10.15
C VAL D 17 16.73 -16.45 -11.63
N ASP D 18 17.73 -15.65 -11.92
CA ASP D 18 18.11 -15.31 -13.30
C ASP D 18 19.15 -16.32 -13.74
N THR D 19 18.65 -17.47 -14.16
CA THR D 19 19.51 -18.57 -14.53
C THR D 19 20.43 -18.24 -15.71
N ALA D 20 19.94 -17.41 -16.63
CA ALA D 20 20.76 -17.05 -17.79
C ALA D 20 21.97 -16.19 -17.38
N TYR D 21 21.76 -15.30 -16.43
CA TYR D 21 22.82 -14.46 -15.99
C TYR D 21 23.83 -15.29 -15.28
N ILE D 22 23.38 -16.17 -14.42
CA ILE D 22 24.28 -16.99 -13.65
C ILE D 22 25.09 -17.85 -14.59
N TYR D 23 24.46 -18.38 -15.62
CA TYR D 23 25.16 -19.26 -16.55
C TYR D 23 26.18 -18.46 -17.38
N ALA D 24 25.94 -17.17 -17.54
CA ALA D 24 26.87 -16.31 -18.27
C ALA D 24 28.06 -15.93 -17.38
N LYS D 25 27.78 -15.55 -16.14
CA LYS D 25 28.80 -15.09 -15.24
C LYS D 25 29.65 -16.17 -14.55
N TYR D 26 29.05 -17.26 -14.10
CA TYR D 26 29.81 -18.27 -13.35
C TYR D 26 30.30 -19.39 -14.22
N THR D 27 31.61 -19.30 -14.51
CA THR D 27 32.29 -20.20 -15.40
C THR D 27 33.22 -21.14 -14.67
N THR D 28 33.40 -20.94 -13.38
CA THR D 28 34.22 -21.83 -12.56
C THR D 28 33.53 -22.07 -11.22
N GLY D 29 33.92 -23.12 -10.51
CA GLY D 29 33.32 -23.44 -9.22
C GLY D 29 31.95 -24.10 -9.31
N ILE D 30 31.59 -24.60 -10.49
CA ILE D 30 30.34 -25.30 -10.73
C ILE D 30 30.36 -26.57 -9.87
N SER D 31 29.29 -26.79 -9.09
CA SER D 31 29.23 -27.94 -8.21
C SER D 31 27.99 -28.80 -8.39
N THR D 32 28.19 -30.11 -8.46
CA THR D 32 27.09 -31.04 -8.47
C THR D 32 27.07 -31.79 -7.14
N ASP D 33 27.73 -31.23 -6.12
CA ASP D 33 27.65 -31.79 -4.78
C ASP D 33 26.80 -30.83 -4.02
N PRO D 34 25.57 -31.23 -3.67
CA PRO D 34 24.65 -30.32 -2.97
C PRO D 34 25.11 -29.89 -1.59
N THR D 35 26.07 -30.59 -1.00
CA THR D 35 26.66 -30.16 0.27
C THR D 35 27.77 -29.15 0.11
N LYS D 36 28.14 -28.84 -1.12
CA LYS D 36 29.19 -27.87 -1.35
C LYS D 36 28.76 -27.08 -2.60
N PRO D 37 27.70 -26.28 -2.45
CA PRO D 37 27.13 -25.58 -3.55
C PRO D 37 27.99 -24.40 -3.91
N PRO D 39 28.73 -20.62 -4.49
CA PRO D 39 28.23 -19.35 -4.02
C PRO D 39 27.96 -18.37 -5.14
N ILE D 40 26.92 -17.60 -4.95
CA ILE D 40 26.49 -16.58 -5.89
C ILE D 40 26.41 -15.27 -5.13
N ASP D 41 26.62 -14.13 -5.79
CA ASP D 41 26.34 -12.82 -5.12
C ASP D 41 24.85 -12.52 -5.18
N ASN D 43 22.78 -10.13 -7.12
CA ASN D 43 22.23 -9.50 -8.34
C ASN D 43 21.20 -10.42 -9.05
N SER D 44 21.50 -11.71 -9.07
CA SER D 44 20.71 -12.66 -9.84
C SER D 44 19.61 -13.35 -9.08
N GLU D 45 19.46 -13.08 -7.78
CA GLU D 45 18.34 -13.62 -7.05
C GLU D 45 17.61 -12.51 -6.43
N VAL D 46 16.31 -12.63 -6.41
CA VAL D 46 15.50 -11.65 -5.79
C VAL D 46 14.41 -12.38 -5.03
N ALA D 48 10.49 -11.62 -3.81
CA ALA D 48 9.35 -10.69 -3.97
C ALA D 48 8.16 -11.15 -3.08
N CYS D 49 7.58 -10.25 -2.28
CA CYS D 49 6.35 -10.57 -1.48
C CYS D 49 5.19 -9.53 -1.67
N GLY D 59 18.16 -1.31 7.23
CA GLY D 59 19.18 -2.31 6.98
C GLY D 59 19.31 -2.65 5.51
N THR D 60 20.20 -3.59 5.24
CA THR D 60 20.44 -4.06 3.87
C THR D 60 19.52 -5.26 3.61
N ALA D 61 18.42 -5.41 4.37
CA ALA D 61 17.68 -6.67 4.27
C ALA D 61 17.13 -6.90 2.87
N ASP D 62 17.40 -8.08 2.37
CA ASP D 62 16.98 -8.47 1.07
C ASP D 62 15.49 -8.68 1.04
N LEU D 63 14.89 -8.87 2.22
CA LEU D 63 13.45 -8.99 2.33
C LEU D 63 13.05 -8.53 3.70
N SER D 64 11.92 -7.83 3.78
CA SER D 64 11.48 -7.21 5.02
C SER D 64 9.98 -7.08 4.98
N PHE D 65 9.30 -7.61 5.98
CA PHE D 65 7.84 -7.58 6.02
C PHE D 65 7.33 -7.71 7.43
N SER D 66 6.04 -7.47 7.63
CA SER D 66 5.50 -7.47 8.96
C SER D 66 4.26 -8.30 9.06
N VAL D 67 4.33 -9.40 9.80
CA VAL D 67 3.17 -10.28 10.04
C VAL D 67 3.19 -10.87 11.43
N PRO D 68 2.01 -11.21 11.98
CA PRO D 68 1.91 -11.67 13.37
C PRO D 68 2.77 -12.89 13.60
N ASN D 69 3.26 -13.05 14.81
CA ASN D 69 4.02 -14.20 15.12
C ASN D 69 3.14 -15.38 14.86
N GLN D 70 3.80 -16.46 14.49
CA GLN D 70 3.16 -17.73 14.14
C GLN D 70 2.47 -17.78 12.79
N SER D 71 2.57 -16.74 11.96
CA SER D 71 2.02 -16.79 10.60
C SER D 71 2.88 -17.74 9.83
N THR D 72 2.29 -18.34 8.81
CA THR D 72 3.02 -19.23 7.95
C THR D 72 3.66 -18.42 6.86
N VAL D 73 4.85 -18.83 6.48
CA VAL D 73 5.55 -18.26 5.36
C VAL D 73 5.91 -19.36 4.37
N ALA D 74 5.68 -19.08 3.08
CA ALA D 74 5.93 -20.04 2.03
C ALA D 74 6.81 -19.45 0.93
N PHE D 75 7.89 -20.17 0.62
CA PHE D 75 8.86 -19.72 -0.37
C PHE D 75 8.74 -20.54 -1.62
N TRP D 76 8.59 -19.85 -2.75
CA TRP D 76 8.39 -20.53 -4.02
C TRP D 76 9.48 -20.16 -4.98
N GLY D 77 10.28 -21.12 -5.37
CA GLY D 77 11.44 -20.86 -6.19
C GLY D 77 11.13 -20.97 -7.64
N SER D 78 11.70 -20.12 -8.45
CA SER D 78 11.39 -20.16 -9.85
C SER D 78 12.42 -19.45 -10.67
N SER D 79 12.65 -19.96 -11.88
CA SER D 79 13.49 -19.29 -12.84
C SER D 79 12.64 -18.21 -13.45
N LEU D 80 13.21 -17.42 -14.36
CA LEU D 80 12.42 -16.38 -15.03
C LEU D 80 11.45 -16.93 -16.09
N SER D 81 11.53 -18.24 -16.37
CA SER D 81 10.58 -18.87 -17.29
C SER D 81 9.54 -19.70 -16.52
N ASN D 82 9.36 -19.39 -15.24
CA ASN D 82 8.45 -20.11 -14.39
C ASN D 82 8.75 -21.62 -14.41
N ASN D 83 10.02 -21.94 -14.44
CA ASN D 83 10.50 -23.30 -14.49
C ASN D 83 10.10 -24.13 -15.72
N GLY D 84 9.73 -23.42 -16.77
CA GLY D 84 9.37 -24.01 -18.04
C GLY D 84 10.53 -24.19 -18.99
N HIS D 85 11.56 -23.37 -18.85
CA HIS D 85 12.72 -23.52 -19.71
C HIS D 85 13.88 -23.94 -18.79
N ASP D 86 14.61 -23.00 -18.18
CA ASP D 86 15.49 -23.39 -17.11
C ASP D 86 14.61 -23.50 -15.88
N ALA D 87 15.15 -24.10 -14.82
CA ALA D 87 14.39 -24.26 -13.58
C ALA D 87 15.24 -24.29 -12.37
N ILE D 88 14.65 -23.92 -11.24
CA ILE D 88 15.35 -24.00 -9.99
C ILE D 88 14.46 -24.62 -8.96
N ILE D 89 15.11 -25.33 -8.04
CA ILE D 89 14.43 -25.95 -6.95
C ILE D 89 15.20 -25.73 -5.67
N ILE D 90 14.58 -25.05 -4.71
CA ILE D 90 15.23 -24.78 -3.44
C ILE D 90 15.23 -26.05 -2.63
N TYR D 91 16.37 -26.40 -2.06
CA TYR D 91 16.48 -27.57 -1.21
C TYR D 91 16.95 -27.30 0.22
N ASP D 92 17.27 -26.04 0.53
CA ASP D 92 17.70 -25.70 1.87
C ASP D 92 17.48 -24.25 2.14
N ILE D 93 16.92 -24.01 3.31
CA ILE D 93 16.77 -22.65 3.82
C ILE D 93 17.08 -22.77 5.31
N GLU D 94 18.20 -22.17 5.72
CA GLU D 94 18.60 -22.25 7.11
C GLU D 94 19.29 -21.01 7.58
N LYS D 95 19.29 -20.85 8.90
CA LYS D 95 19.96 -19.76 9.54
C LYS D 95 21.44 -19.84 9.23
N ASN D 96 22.03 -18.71 8.83
CA ASN D 96 23.44 -18.57 8.46
C ASN D 96 24.20 -18.12 9.66
N THR D 97 25.07 -18.99 10.16
CA THR D 97 25.81 -18.71 11.37
C THR D 97 27.25 -18.25 11.10
N ASN D 98 27.67 -18.22 9.84
CA ASN D 98 29.00 -17.75 9.50
C ASN D 98 29.21 -16.25 9.60
N LEU D 99 28.15 -15.49 9.85
CA LEU D 99 28.30 -14.06 10.02
C LEU D 99 28.02 -13.63 11.47
N GLY D 100 28.24 -14.53 12.44
CA GLY D 100 28.03 -14.24 13.87
C GLY D 100 26.61 -14.49 14.35
N PRO D 101 26.32 -14.15 15.60
CA PRO D 101 24.96 -14.33 16.10
C PRO D 101 23.92 -13.45 15.35
N THR D 102 22.77 -14.01 15.08
CA THR D 102 21.71 -13.36 14.28
C THR D 102 20.41 -13.76 14.97
N ASP D 103 19.27 -13.18 14.64
CA ASP D 103 18.08 -13.48 15.45
C ASP D 103 17.38 -14.80 15.06
N ASP D 104 16.62 -15.37 15.98
CA ASP D 104 15.81 -16.57 15.72
C ASP D 104 14.43 -16.12 15.32
N VAL D 105 14.31 -15.69 14.07
CA VAL D 105 13.07 -15.14 13.57
C VAL D 105 12.11 -16.20 13.06
N PHE D 106 12.68 -17.21 12.42
CA PHE D 106 11.86 -18.26 11.86
C PHE D 106 12.11 -19.59 12.51
N ASN D 107 11.08 -20.45 12.55
CA ASN D 107 11.30 -21.85 12.90
C ASN D 107 11.90 -22.58 11.70
N PRO D 108 12.39 -23.79 11.92
CA PRO D 108 13.04 -24.52 10.85
C PRO D 108 12.13 -24.65 9.67
N PHE D 109 12.69 -24.53 8.48
CA PHE D 109 11.92 -24.70 7.26
C PHE D 109 11.76 -26.16 6.94
N VAL D 110 10.71 -26.48 6.21
CA VAL D 110 10.54 -27.84 5.75
C VAL D 110 10.13 -27.79 4.26
N ASN D 112 7.73 -28.80 1.73
CA ASN D 112 6.32 -29.07 1.91
C ASN D 112 5.63 -29.39 0.59
N GLN D 113 5.36 -30.67 0.36
CA GLN D 113 4.68 -31.15 -0.86
C GLN D 113 3.23 -31.50 -0.58
N THR D 114 2.33 -30.99 -1.39
CA THR D 114 0.91 -31.27 -1.24
C THR D 114 0.26 -31.41 -2.60
N LEU D 115 -0.90 -32.00 -2.55
CA LEU D 115 -1.72 -32.20 -3.69
C LEU D 115 -2.61 -30.98 -3.83
N LEU D 116 -2.71 -30.45 -5.05
CA LEU D 116 -3.62 -29.37 -5.35
C LEU D 116 -4.67 -30.03 -6.24
N PRO D 117 -5.80 -30.41 -5.66
CA PRO D 117 -6.82 -31.13 -6.43
C PRO D 117 -7.27 -30.34 -7.63
N GLY D 118 -7.50 -29.06 -7.46
CA GLY D 118 -7.96 -28.24 -8.58
C GLY D 118 -7.09 -27.06 -8.94
N GLY D 119 -5.99 -27.32 -9.64
CA GLY D 119 -5.16 -26.22 -10.17
C GLY D 119 -5.64 -25.85 -11.56
N VAL D 120 -5.70 -24.57 -11.83
CA VAL D 120 -6.17 -24.14 -13.12
C VAL D 120 -5.04 -24.06 -14.12
N ILE D 121 -5.37 -24.42 -15.35
CA ILE D 121 -4.45 -24.30 -16.45
C ILE D 121 -5.25 -23.78 -17.61
N PRO D 122 -4.58 -23.16 -18.58
CA PRO D 122 -5.33 -22.80 -19.75
C PRO D 122 -5.90 -24.02 -20.40
N SER D 123 -7.01 -23.87 -21.09
CA SER D 123 -7.59 -24.98 -21.89
C SER D 123 -6.94 -24.89 -23.26
N GLY D 124 -7.31 -25.78 -24.18
CA GLY D 124 -6.70 -25.81 -25.51
C GLY D 124 -7.26 -24.85 -26.57
N SER D 125 -7.99 -23.83 -26.13
CA SER D 125 -8.52 -22.86 -27.06
C SER D 125 -7.41 -21.88 -27.52
N ILE D 126 -7.73 -21.09 -28.52
CA ILE D 126 -6.79 -20.12 -29.04
C ILE D 126 -6.30 -19.10 -27.98
N ASN D 127 -7.17 -18.65 -27.08
CA ASN D 127 -6.67 -17.78 -26.04
C ASN D 127 -6.52 -18.41 -24.67
N GLY D 128 -6.79 -19.71 -24.56
CA GLY D 128 -6.65 -20.45 -23.28
C GLY D 128 -7.89 -20.45 -22.38
N LEU D 129 -8.90 -19.69 -22.75
CA LEU D 129 -10.14 -19.66 -21.97
C LEU D 129 -11.20 -20.58 -22.50
N PRO D 130 -12.04 -21.09 -21.59
CA PRO D 130 -11.94 -20.91 -20.15
C PRO D 130 -10.92 -21.88 -19.59
N ALA D 131 -10.45 -21.61 -18.38
CA ALA D 131 -9.44 -22.44 -17.76
C ALA D 131 -10.03 -23.75 -17.41
N THR D 132 -9.19 -24.77 -17.40
CA THR D 132 -9.56 -26.08 -16.96
C THR D 132 -8.97 -26.17 -15.58
N THR D 133 -9.48 -27.11 -14.79
CA THR D 133 -8.92 -27.40 -13.51
C THR D 133 -8.41 -28.81 -13.57
N GLU D 134 -7.29 -29.09 -12.94
CA GLU D 134 -6.77 -30.46 -12.88
C GLU D 134 -5.79 -30.65 -11.67
N ALA D 135 -5.66 -31.86 -11.17
CA ALA D 135 -4.83 -32.10 -9.97
C ALA D 135 -3.38 -32.01 -10.31
N ARG D 136 -2.58 -31.67 -9.30
CA ARG D 136 -1.17 -31.36 -9.50
C ARG D 136 -0.47 -31.28 -8.17
N ASN D 137 0.79 -31.69 -8.11
CA ASN D 137 1.52 -31.58 -6.88
C ASN D 137 2.17 -30.23 -6.85
N ILE D 138 2.15 -29.60 -5.69
CA ILE D 138 2.82 -28.33 -5.55
C ILE D 138 3.81 -28.49 -4.44
N TYR D 139 4.75 -27.55 -4.36
CA TYR D 139 5.70 -27.62 -3.29
C TYR D 139 6.20 -26.23 -2.96
N ALA D 140 6.49 -26.03 -1.68
CA ALA D 140 7.04 -24.80 -1.21
C ALA D 140 7.89 -25.11 0.00
N LEU D 141 8.83 -24.24 0.33
CA LEU D 141 9.53 -24.37 1.59
C LEU D 141 8.82 -23.47 2.57
N THR D 142 8.29 -24.07 3.63
CA THR D 142 7.49 -23.35 4.59
C THR D 142 8.08 -23.27 5.99
N SER D 143 7.58 -22.30 6.75
CA SER D 143 8.01 -22.09 8.12
C SER D 143 7.00 -21.19 8.80
N THR D 144 7.26 -20.85 10.04
CA THR D 144 6.38 -19.95 10.75
C THR D 144 7.23 -18.96 11.52
N VAL D 145 6.72 -17.76 11.63
CA VAL D 145 7.41 -16.71 12.28
C VAL D 145 7.46 -17.01 13.78
N LYS D 146 8.66 -17.08 14.33
CA LYS D 146 8.82 -17.31 15.75
C LYS D 146 8.71 -15.95 16.45
N ALA D 147 9.41 -14.94 15.90
CA ALA D 147 9.53 -13.63 16.55
C ALA D 147 10.00 -12.52 15.59
N LYS D 148 9.83 -11.27 16.01
CA LYS D 148 10.34 -10.16 15.21
C LYS D 148 11.84 -10.14 15.29
N GLY D 149 12.51 -9.66 14.25
CA GLY D 149 13.97 -9.64 14.25
C GLY D 149 14.59 -9.61 12.86
N THR D 150 15.91 -9.70 12.83
CA THR D 150 16.62 -9.75 11.60
C THR D 150 17.49 -11.01 11.63
N GLU D 151 17.28 -11.89 10.65
CA GLU D 151 17.98 -13.16 10.57
C GLU D 151 18.76 -13.30 9.26
N ASN D 152 20.06 -13.61 9.38
CA ASN D 152 20.88 -13.96 8.21
C ASN D 152 20.55 -15.40 7.80
N PHE D 153 20.39 -15.61 6.49
CA PHE D 153 20.01 -16.92 5.97
C PHE D 153 20.94 -17.42 4.93
N VAL D 154 20.88 -18.73 4.74
CA VAL D 154 21.54 -19.41 3.64
C VAL D 154 20.43 -20.06 2.82
N ILE D 155 20.48 -19.89 1.51
CA ILE D 155 19.49 -20.53 0.64
C ILE D 155 20.24 -21.28 -0.43
N ARG D 156 19.95 -22.57 -0.53
CA ARG D 156 20.60 -23.42 -1.50
C ARG D 156 19.57 -24.02 -2.44
N PHE D 157 19.94 -24.10 -3.71
CA PHE D 157 19.02 -24.56 -4.72
C PHE D 157 19.72 -25.22 -5.85
N GLY D 158 18.98 -26.03 -6.58
CA GLY D 158 19.51 -26.67 -7.76
C GLY D 158 19.17 -25.79 -8.93
N LEU D 159 20.12 -25.65 -9.82
CA LEU D 159 19.91 -24.90 -11.04
C LEU D 159 19.94 -25.92 -12.18
N TYR D 160 18.80 -26.04 -12.83
CA TYR D 160 18.62 -26.96 -13.92
C TYR D 160 18.48 -26.18 -15.23
N LEU D 161 19.32 -26.51 -16.21
CA LEU D 161 19.27 -25.85 -17.52
C LEU D 161 18.53 -26.72 -18.49
N PHE D 162 17.85 -26.06 -19.42
CA PHE D 162 17.16 -26.77 -20.49
C PHE D 162 18.17 -27.29 -21.48
N ASP D 163 18.15 -28.59 -21.74
CA ASP D 163 19.02 -29.14 -22.76
C ASP D 163 18.19 -29.35 -24.05
N ALA D 164 18.40 -28.52 -25.08
CA ALA D 164 17.59 -28.60 -26.33
C ALA D 164 17.70 -29.96 -27.00
N GLY D 165 18.86 -30.59 -26.88
CA GLY D 165 19.06 -31.98 -27.34
C GLY D 165 18.05 -33.00 -26.80
N THR D 166 17.90 -33.10 -25.48
CA THR D 166 16.97 -34.06 -24.88
C THR D 166 15.55 -33.51 -24.61
N GLN D 167 15.38 -32.19 -24.74
CA GLN D 167 14.13 -31.52 -24.36
C GLN D 167 13.86 -31.69 -22.87
N THR D 168 14.92 -31.75 -22.08
CA THR D 168 14.79 -31.97 -20.63
C THR D 168 15.69 -31.01 -19.84
N GLN D 169 15.32 -30.81 -18.58
CA GLN D 169 16.04 -29.94 -17.67
C GLN D 169 17.02 -30.80 -16.88
N LYS D 170 18.29 -30.41 -16.96
CA LYS D 170 19.39 -31.14 -16.34
C LYS D 170 20.13 -30.29 -15.36
N LEU D 171 20.50 -30.91 -14.23
CA LEU D 171 21.22 -30.27 -13.21
C LEU D 171 22.48 -29.69 -13.80
N TRP D 172 22.70 -28.40 -13.59
CA TRP D 172 23.96 -27.76 -14.01
C TRP D 172 24.84 -27.52 -12.75
N SER D 173 24.26 -26.91 -11.73
CA SER D 173 24.96 -26.72 -10.47
C SER D 173 24.00 -26.55 -9.28
N TYR D 174 24.44 -27.00 -8.10
CA TYR D 174 23.78 -26.63 -6.85
C TYR D 174 24.42 -25.26 -6.45
N CYS D 175 23.62 -24.35 -5.90
CA CYS D 175 24.06 -22.97 -5.68
C CYS D 175 23.58 -22.45 -4.34
N GLN D 176 24.24 -21.44 -3.82
CA GLN D 176 23.95 -20.90 -2.51
C GLN D 176 24.00 -19.41 -2.55
N TRP D 177 22.99 -18.79 -1.94
CA TRP D 177 22.83 -17.33 -1.84
C TRP D 177 22.58 -17.03 -0.37
N ASP D 178 23.06 -15.88 0.09
CA ASP D 178 23.01 -15.57 1.52
C ASP D 178 22.26 -14.30 1.83
N PRO D 179 20.95 -14.38 1.80
CA PRO D 179 20.15 -13.19 2.07
C PRO D 179 19.91 -12.93 3.55
N THR D 180 19.36 -11.79 3.84
CA THR D 180 18.99 -11.38 5.17
C THR D 180 17.53 -11.03 5.13
N ILE D 181 16.80 -11.50 6.11
CA ILE D 181 15.40 -11.27 6.13
C ILE D 181 14.99 -10.65 7.43
N THR D 182 14.08 -9.68 7.38
CA THR D 182 13.64 -8.99 8.55
C THR D 182 12.13 -9.07 8.72
N VAL D 183 11.67 -9.49 9.89
CA VAL D 183 10.26 -9.42 10.21
C VAL D 183 10.13 -8.36 11.28
N TYR D 184 9.29 -7.36 11.01
CA TYR D 184 9.13 -6.22 11.90
C TYR D 184 7.70 -6.00 12.32
#